data_3MO5
#
_entry.id   3MO5
#
_cell.length_a   59.9
_cell.length_b   162.9
_cell.length_c   69.1
_cell.angle_alpha   90.00
_cell.angle_beta   99.0
_cell.angle_gamma   90.00
#
_symmetry.space_group_name_H-M   'P 1 21 1'
#
loop_
_entity.id
_entity.type
_entity.pdbx_description
1 polymer 'Histone-lysine N-methyltransferase, H3 lysine-9 specific 5'
2 non-polymer 'ZINC ION'
3 non-polymer 7-[(5-aminopentyl)oxy]-N~4~-[1-(5-aminopentyl)piperidin-4-yl]-N~2~-[3-(dimethylamino)propyl]-6-methoxyquinazoline-2,4-diamine
4 non-polymer S-ADENOSYL-L-HOMOCYSTEINE
5 water water
#
_entity_poly.entity_id   1
_entity_poly.type   'polypeptide(L)'
_entity_poly.pdbx_seq_one_letter_code
;NSQVWSALQMSKALQDSAPDRPSPVERIVSRDIARGYERIPIPCVNAVDSEPCPSNYKYVSQNCVTSPMNIDRNITHLQY
CVCIDDCSSSNCMCGQLSMRCWYDKDGRLLPEFNMAEPPLIFECNHACSCWRNCRNRVVQNGLRARLQLYRTRDMGWGVR
SLQDIPPGTFVCEYVGELISDSEADVREEDSYLFDLDNKDGEVYCIDARFYGNVSRFINHHCEPNLVPVRVFMAHQDLRF
PRIAFFSTRLIEAGEQLGFDYGERFWDIKGKLFSCRCGSPKCRHS
;
_entity_poly.pdbx_strand_id   A,B,C,D
#
# COMPACT_ATOMS: atom_id res chain seq x y z
N ILE A 28 -27.02 -11.02 -0.97
CA ILE A 28 -25.53 -11.06 -0.85
C ILE A 28 -25.13 -11.61 0.51
N VAL A 29 -24.95 -12.92 0.60
CA VAL A 29 -24.57 -13.55 1.86
C VAL A 29 -23.07 -13.62 2.09
N SER A 30 -22.28 -13.37 1.04
CA SER A 30 -20.82 -13.39 1.18
C SER A 30 -20.17 -12.45 0.18
N ARG A 31 -19.23 -11.64 0.66
CA ARG A 31 -18.52 -10.69 -0.18
C ARG A 31 -17.58 -11.42 -1.14
N ASP A 32 -17.05 -12.56 -0.70
CA ASP A 32 -16.13 -13.34 -1.52
C ASP A 32 -15.87 -14.72 -0.90
N ILE A 33 -16.37 -15.77 -1.54
CA ILE A 33 -16.18 -17.11 -1.02
C ILE A 33 -14.70 -17.53 -1.08
N ALA A 34 -13.91 -16.82 -1.87
CA ALA A 34 -12.49 -17.14 -2.00
C ALA A 34 -11.63 -16.41 -0.96
N ARG A 35 -12.26 -15.56 -0.16
CA ARG A 35 -11.56 -14.82 0.89
C ARG A 35 -10.35 -14.07 0.35
N GLY A 36 -10.45 -13.61 -0.89
CA GLY A 36 -9.36 -12.85 -1.49
C GLY A 36 -8.26 -13.65 -2.17
N TYR A 37 -8.43 -14.96 -2.30
CA TYR A 37 -7.42 -15.78 -2.94
C TYR A 37 -7.45 -15.76 -4.47
N GLU A 38 -8.55 -15.29 -5.06
CA GLU A 38 -8.64 -15.22 -6.51
C GLU A 38 -8.29 -13.79 -6.94
N ARG A 39 -8.07 -13.59 -8.23
CA ARG A 39 -7.73 -12.26 -8.74
C ARG A 39 -8.89 -11.29 -8.60
N ILE A 40 -10.10 -11.82 -8.56
CA ILE A 40 -11.29 -11.00 -8.38
C ILE A 40 -12.26 -11.76 -7.47
N PRO A 41 -13.01 -11.04 -6.63
CA PRO A 41 -13.95 -11.71 -5.73
C PRO A 41 -15.00 -12.54 -6.44
N ILE A 42 -15.53 -13.52 -5.73
CA ILE A 42 -16.59 -14.37 -6.23
C ILE A 42 -17.66 -14.29 -5.15
N PRO A 43 -18.54 -13.28 -5.24
CA PRO A 43 -19.63 -13.05 -4.28
C PRO A 43 -20.64 -14.17 -4.26
N CYS A 44 -21.37 -14.28 -3.16
CA CYS A 44 -22.41 -15.29 -3.05
C CYS A 44 -23.74 -14.60 -2.71
N VAL A 45 -24.72 -14.72 -3.60
CA VAL A 45 -26.00 -14.10 -3.37
C VAL A 45 -27.11 -15.12 -3.25
N ASN A 46 -28.19 -14.72 -2.59
CA ASN A 46 -29.35 -15.57 -2.40
C ASN A 46 -30.60 -14.70 -2.52
N ALA A 47 -31.32 -14.86 -3.62
CA ALA A 47 -32.53 -14.09 -3.86
C ALA A 47 -33.73 -15.01 -3.85
N VAL A 48 -33.51 -16.28 -3.48
CA VAL A 48 -34.58 -17.26 -3.43
C VAL A 48 -35.13 -17.39 -2.02
N ASP A 49 -34.28 -17.78 -1.07
CA ASP A 49 -34.71 -17.92 0.31
C ASP A 49 -33.76 -17.22 1.27
N SER A 50 -33.67 -17.73 2.48
CA SER A 50 -32.82 -17.13 3.51
C SER A 50 -31.60 -17.97 3.92
N GLU A 51 -31.34 -19.06 3.19
CA GLU A 51 -30.20 -19.90 3.52
C GLU A 51 -28.86 -19.18 3.36
N PRO A 52 -27.95 -19.37 4.34
CA PRO A 52 -26.64 -18.74 4.30
C PRO A 52 -25.82 -19.32 3.15
N CYS A 53 -24.66 -18.75 2.89
CA CYS A 53 -23.79 -19.23 1.84
C CYS A 53 -23.19 -20.57 2.29
N PRO A 54 -22.98 -21.50 1.34
CA PRO A 54 -22.41 -22.80 1.72
C PRO A 54 -21.13 -22.61 2.52
N SER A 55 -20.97 -23.40 3.58
CA SER A 55 -19.79 -23.30 4.42
C SER A 55 -19.34 -24.65 4.93
N ASN A 56 -19.90 -25.71 4.38
CA ASN A 56 -19.55 -27.08 4.80
C ASN A 56 -18.41 -27.65 3.95
N TYR A 57 -17.40 -26.83 3.70
CA TYR A 57 -16.25 -27.23 2.90
C TYR A 57 -15.20 -26.14 3.04
N LYS A 58 -13.97 -26.43 2.66
CA LYS A 58 -12.90 -25.45 2.75
C LYS A 58 -12.59 -24.97 1.33
N TYR A 59 -12.61 -23.66 1.13
CA TYR A 59 -12.32 -23.13 -0.19
C TYR A 59 -10.82 -23.06 -0.40
N VAL A 60 -10.35 -23.58 -1.54
CA VAL A 60 -8.92 -23.52 -1.90
C VAL A 60 -8.86 -23.05 -3.35
N SER A 61 -7.86 -22.23 -3.66
CA SER A 61 -7.71 -21.70 -5.00
C SER A 61 -6.82 -22.59 -5.86
N GLN A 62 -6.04 -23.45 -5.23
CA GLN A 62 -5.14 -24.36 -5.95
C GLN A 62 -5.35 -25.77 -5.40
N ASN A 63 -5.06 -26.78 -6.21
CA ASN A 63 -5.22 -28.15 -5.75
C ASN A 63 -4.38 -28.45 -4.51
N CYS A 64 -4.86 -29.34 -3.66
CA CYS A 64 -4.13 -29.70 -2.46
C CYS A 64 -4.19 -31.20 -2.30
N VAL A 65 -3.35 -31.73 -1.40
CA VAL A 65 -3.33 -33.16 -1.13
C VAL A 65 -3.46 -33.37 0.36
N THR A 66 -4.01 -34.51 0.75
CA THR A 66 -4.17 -34.82 2.17
C THR A 66 -3.36 -36.06 2.47
N SER A 67 -2.23 -36.17 1.78
CA SER A 67 -1.34 -37.31 1.93
C SER A 67 -0.09 -37.04 1.11
N PRO A 68 0.81 -38.03 1.01
CA PRO A 68 2.00 -37.78 0.21
C PRO A 68 1.54 -37.85 -1.23
N MET A 69 2.26 -37.22 -2.15
CA MET A 69 1.90 -37.27 -3.56
C MET A 69 3.18 -36.95 -4.31
N ASN A 70 3.74 -37.98 -4.94
CA ASN A 70 4.99 -37.83 -5.66
C ASN A 70 4.89 -37.25 -7.05
N ILE A 71 4.42 -36.01 -7.15
CA ILE A 71 4.31 -35.34 -8.44
C ILE A 71 5.73 -35.03 -8.90
N ASP A 72 6.00 -35.21 -10.18
CA ASP A 72 7.34 -34.95 -10.69
C ASP A 72 7.59 -33.46 -10.89
N ARG A 73 8.30 -32.84 -9.94
CA ARG A 73 8.60 -31.42 -10.03
C ARG A 73 10.10 -31.19 -10.28
N ASN A 74 10.78 -32.20 -10.80
CA ASN A 74 12.20 -32.08 -11.11
C ASN A 74 12.28 -31.09 -12.26
N ILE A 75 12.88 -29.92 -12.04
CA ILE A 75 12.95 -28.92 -13.09
C ILE A 75 13.71 -29.36 -14.35
N THR A 76 14.64 -30.30 -14.21
CA THR A 76 15.38 -30.75 -15.39
C THR A 76 14.53 -31.68 -16.24
N HIS A 77 13.38 -32.11 -15.70
CA HIS A 77 12.48 -32.99 -16.46
C HIS A 77 11.52 -32.22 -17.35
N LEU A 78 11.43 -30.91 -17.15
CA LEU A 78 10.53 -30.05 -17.93
C LEU A 78 11.00 -29.82 -19.36
N GLN A 79 10.08 -29.92 -20.31
CA GLN A 79 10.40 -29.62 -21.69
C GLN A 79 10.04 -28.15 -21.75
N TYR A 80 10.85 -27.36 -22.45
CA TYR A 80 10.63 -25.92 -22.50
C TYR A 80 11.04 -25.35 -23.84
N CYS A 81 10.78 -24.05 -24.04
CA CYS A 81 11.15 -23.43 -25.31
C CYS A 81 12.25 -22.39 -25.12
N VAL A 82 12.90 -22.02 -26.23
CA VAL A 82 13.96 -21.04 -26.16
C VAL A 82 13.61 -19.83 -27.00
N CYS A 83 12.30 -19.64 -27.23
CA CYS A 83 11.84 -18.52 -28.05
C CYS A 83 12.46 -17.19 -27.63
N ILE A 84 12.72 -16.34 -28.63
CA ILE A 84 13.27 -15.02 -28.35
C ILE A 84 12.22 -13.96 -28.61
N ASP A 85 11.01 -14.40 -28.98
CA ASP A 85 9.90 -13.48 -29.22
C ASP A 85 8.85 -13.73 -28.13
N ASP A 86 7.58 -13.52 -28.46
CA ASP A 86 6.51 -13.72 -27.50
C ASP A 86 5.82 -15.06 -27.71
N CYS A 87 6.59 -16.05 -28.16
CA CYS A 87 6.07 -17.40 -28.41
C CYS A 87 4.86 -17.47 -29.32
N SER A 88 4.86 -16.64 -30.35
CA SER A 88 3.76 -16.65 -31.29
C SER A 88 4.22 -17.22 -32.61
N SER A 89 5.43 -17.78 -32.65
CA SER A 89 5.94 -18.37 -33.88
C SER A 89 5.78 -19.89 -33.86
N SER A 90 5.85 -20.49 -35.04
CA SER A 90 5.71 -21.93 -35.17
C SER A 90 6.87 -22.70 -34.56
N ASN A 91 7.94 -22.01 -34.17
CA ASN A 91 9.09 -22.69 -33.57
C ASN A 91 8.94 -23.03 -32.08
N CYS A 92 8.01 -22.37 -31.39
CA CYS A 92 7.83 -22.62 -29.95
C CYS A 92 7.62 -24.08 -29.60
N MET A 93 8.58 -24.65 -28.89
CA MET A 93 8.53 -26.05 -28.46
C MET A 93 7.28 -26.38 -27.65
N CYS A 94 6.84 -25.43 -26.83
CA CYS A 94 5.66 -25.64 -26.01
C CYS A 94 4.41 -25.72 -26.87
N GLY A 95 4.40 -24.93 -27.95
CA GLY A 95 3.27 -24.94 -28.86
C GLY A 95 3.23 -26.29 -29.56
N GLN A 96 4.40 -26.81 -29.91
CA GLN A 96 4.50 -28.10 -30.58
C GLN A 96 3.97 -29.22 -29.68
N LEU A 97 4.28 -29.17 -28.40
CA LEU A 97 3.81 -30.19 -27.47
C LEU A 97 2.29 -30.15 -27.38
N SER A 98 1.73 -28.97 -27.60
CA SER A 98 0.29 -28.77 -27.54
C SER A 98 -0.33 -29.03 -28.92
N MET A 99 0.52 -29.48 -29.85
CA MET A 99 0.14 -29.72 -31.25
C MET A 99 0.47 -28.40 -31.93
N ARG A 100 0.03 -27.32 -31.29
CA ARG A 100 0.28 -25.97 -31.74
C ARG A 100 -0.29 -25.09 -30.63
N CYS A 101 0.18 -23.84 -30.55
CA CYS A 101 -0.35 -22.96 -29.52
C CYS A 101 -1.77 -22.61 -29.94
N TRP A 102 -2.74 -22.89 -29.07
CA TRP A 102 -4.14 -22.63 -29.37
C TRP A 102 -4.66 -21.27 -28.93
N TYR A 103 -3.81 -20.48 -28.28
CA TYR A 103 -4.24 -19.18 -27.80
C TYR A 103 -3.96 -18.04 -28.78
N ASP A 104 -4.94 -17.15 -28.93
CA ASP A 104 -4.76 -16.01 -29.81
C ASP A 104 -4.24 -14.85 -28.96
N LYS A 105 -4.08 -13.68 -29.57
CA LYS A 105 -3.56 -12.52 -28.88
C LYS A 105 -4.32 -12.16 -27.61
N ASP A 106 -5.60 -12.49 -27.56
CA ASP A 106 -6.42 -12.17 -26.39
C ASP A 106 -6.40 -13.26 -25.34
N GLY A 107 -5.78 -14.39 -25.66
CA GLY A 107 -5.72 -15.49 -24.73
C GLY A 107 -6.89 -16.44 -24.87
N ARG A 108 -7.57 -16.40 -26.02
CA ARG A 108 -8.71 -17.27 -26.26
C ARG A 108 -8.37 -18.38 -27.25
N LEU A 109 -9.02 -19.53 -27.10
CA LEU A 109 -8.79 -20.66 -27.97
C LEU A 109 -9.17 -20.32 -29.40
N LEU A 110 -8.33 -20.71 -30.35
CA LEU A 110 -8.59 -20.48 -31.77
C LEU A 110 -9.79 -21.30 -32.19
N PRO A 111 -10.46 -20.92 -33.29
CA PRO A 111 -11.63 -21.66 -33.78
C PRO A 111 -11.33 -23.12 -34.06
N GLU A 112 -10.12 -23.38 -34.55
CA GLU A 112 -9.69 -24.74 -34.88
C GLU A 112 -9.64 -25.69 -33.70
N PHE A 113 -9.63 -25.17 -32.48
CA PHE A 113 -9.57 -26.02 -31.29
C PHE A 113 -10.71 -27.04 -31.30
N ASN A 114 -10.38 -28.31 -31.04
CA ASN A 114 -11.40 -29.35 -31.03
C ASN A 114 -12.04 -29.57 -29.66
N MET A 115 -13.16 -28.90 -29.43
CA MET A 115 -13.91 -28.99 -28.18
C MET A 115 -14.45 -30.39 -27.86
N ALA A 116 -14.71 -31.18 -28.90
CA ALA A 116 -15.24 -32.52 -28.71
C ALA A 116 -14.18 -33.47 -28.16
N GLU A 117 -12.94 -33.23 -28.53
CA GLU A 117 -11.82 -34.04 -28.07
C GLU A 117 -10.58 -33.15 -27.99
N PRO A 118 -10.50 -32.32 -26.94
CA PRO A 118 -9.41 -31.38 -26.67
C PRO A 118 -8.03 -32.00 -26.53
N PRO A 119 -7.01 -31.37 -27.13
CA PRO A 119 -5.65 -31.91 -27.00
C PRO A 119 -5.10 -31.47 -25.65
N LEU A 120 -3.98 -32.05 -25.23
CA LEU A 120 -3.37 -31.63 -23.98
C LEU A 120 -2.72 -30.27 -24.28
N ILE A 121 -2.83 -29.34 -23.36
CA ILE A 121 -2.23 -28.03 -23.56
C ILE A 121 -1.04 -27.86 -22.62
N PHE A 122 0.11 -27.51 -23.21
CA PHE A 122 1.32 -27.26 -22.45
C PHE A 122 1.62 -25.78 -22.55
N GLU A 123 1.42 -25.07 -21.45
CA GLU A 123 1.69 -23.64 -21.44
C GLU A 123 3.16 -23.48 -21.10
N CYS A 124 3.73 -22.33 -21.43
CA CYS A 124 5.13 -22.09 -21.12
C CYS A 124 5.29 -22.09 -19.60
N ASN A 125 6.49 -22.44 -19.15
CA ASN A 125 6.79 -22.54 -17.74
C ASN A 125 8.05 -21.78 -17.35
N HIS A 126 8.46 -21.90 -16.10
CA HIS A 126 9.64 -21.18 -15.61
C HIS A 126 10.98 -21.66 -16.19
N ALA A 127 10.99 -22.79 -16.87
CA ALA A 127 12.23 -23.26 -17.49
C ALA A 127 12.37 -22.67 -18.90
N CYS A 128 11.29 -22.08 -19.43
CA CYS A 128 11.32 -21.50 -20.75
C CYS A 128 12.15 -20.21 -20.76
N SER A 129 12.74 -19.88 -21.90
CA SER A 129 13.54 -18.66 -22.03
C SER A 129 12.65 -17.43 -22.25
N CYS A 130 11.38 -17.64 -22.55
CA CYS A 130 10.47 -16.53 -22.81
C CYS A 130 10.08 -15.76 -21.55
N TRP A 131 9.37 -14.66 -21.75
CA TRP A 131 8.91 -13.79 -20.68
C TRP A 131 7.57 -14.25 -20.11
N ARG A 132 7.29 -13.80 -18.89
CA ARG A 132 6.07 -14.17 -18.19
C ARG A 132 4.80 -13.69 -18.90
N ASN A 133 4.95 -12.76 -19.84
CA ASN A 133 3.79 -12.25 -20.57
C ASN A 133 3.69 -12.80 -21.99
N CYS A 134 4.38 -13.90 -22.26
CA CYS A 134 4.34 -14.50 -23.60
C CYS A 134 2.93 -14.98 -23.92
N ARG A 135 2.66 -15.18 -25.19
CA ARG A 135 1.34 -15.63 -25.63
C ARG A 135 0.85 -16.98 -25.10
N ASN A 136 1.76 -17.91 -24.85
CA ASN A 136 1.36 -19.25 -24.41
C ASN A 136 1.15 -19.40 -22.90
N ARG A 137 0.49 -18.41 -22.30
CA ARG A 137 0.19 -18.43 -20.86
C ARG A 137 -1.20 -17.81 -20.66
N VAL A 138 -2.15 -18.64 -20.24
CA VAL A 138 -3.52 -18.20 -20.01
C VAL A 138 -4.06 -18.78 -18.70
N VAL A 139 -4.10 -20.11 -18.61
CA VAL A 139 -4.58 -20.77 -17.42
C VAL A 139 -3.77 -20.36 -16.19
N GLN A 140 -2.46 -20.20 -16.36
CA GLN A 140 -1.62 -19.81 -15.22
C GLN A 140 -1.83 -18.37 -14.76
N ASN A 141 -2.62 -17.59 -15.49
CA ASN A 141 -2.85 -16.21 -15.07
C ASN A 141 -4.07 -16.04 -14.17
N GLY A 142 -4.76 -17.13 -13.88
CA GLY A 142 -5.90 -17.06 -12.99
C GLY A 142 -7.23 -16.55 -13.53
N LEU A 143 -8.15 -16.33 -12.60
CA LEU A 143 -9.52 -15.88 -12.90
C LEU A 143 -9.61 -14.47 -13.48
N ARG A 144 -10.32 -14.34 -14.59
CA ARG A 144 -10.49 -13.04 -15.25
C ARG A 144 -11.95 -12.65 -15.39
N ALA A 145 -12.85 -13.61 -15.22
CA ALA A 145 -14.28 -13.35 -15.36
C ALA A 145 -14.96 -13.00 -14.03
N ARG A 146 -16.03 -12.23 -14.12
CA ARG A 146 -16.82 -11.85 -12.96
C ARG A 146 -17.81 -12.99 -12.78
N LEU A 147 -17.59 -13.81 -11.76
CA LEU A 147 -18.47 -14.95 -11.51
C LEU A 147 -19.23 -14.75 -10.22
N GLN A 148 -20.29 -15.51 -10.04
CA GLN A 148 -21.10 -15.38 -8.85
C GLN A 148 -21.72 -16.69 -8.43
N LEU A 149 -21.68 -16.97 -7.14
CA LEU A 149 -22.29 -18.18 -6.59
C LEU A 149 -23.70 -17.74 -6.21
N TYR A 150 -24.73 -18.45 -6.67
CA TYR A 150 -26.09 -18.03 -6.38
C TYR A 150 -27.06 -19.18 -6.08
N ARG A 151 -28.03 -18.89 -5.21
CA ARG A 151 -29.05 -19.84 -4.84
C ARG A 151 -29.99 -20.04 -6.03
N THR A 152 -30.18 -21.27 -6.47
CA THR A 152 -31.05 -21.52 -7.61
C THR A 152 -32.49 -21.75 -7.17
N ARG A 153 -33.34 -22.12 -8.13
CA ARG A 153 -34.75 -22.37 -7.86
C ARG A 153 -34.94 -23.68 -7.11
N ASP A 154 -34.27 -24.73 -7.56
CA ASP A 154 -34.38 -26.05 -6.93
C ASP A 154 -33.76 -26.05 -5.52
N MET A 155 -33.63 -24.86 -4.92
CA MET A 155 -33.08 -24.71 -3.59
C MET A 155 -31.60 -25.08 -3.49
N GLY A 156 -30.95 -25.26 -4.63
CA GLY A 156 -29.54 -25.62 -4.64
C GLY A 156 -28.66 -24.43 -4.96
N TRP A 157 -27.44 -24.67 -5.42
CA TRP A 157 -26.52 -23.59 -5.75
C TRP A 157 -25.92 -23.77 -7.15
N GLY A 158 -25.68 -22.65 -7.81
CA GLY A 158 -25.11 -22.68 -9.13
C GLY A 158 -24.12 -21.54 -9.26
N VAL A 159 -23.44 -21.47 -10.39
CA VAL A 159 -22.48 -20.41 -10.62
C VAL A 159 -22.85 -19.75 -11.92
N ARG A 160 -22.74 -18.44 -11.98
CA ARG A 160 -23.04 -17.74 -13.22
C ARG A 160 -22.08 -16.59 -13.46
N SER A 161 -21.97 -16.22 -14.73
CA SER A 161 -21.12 -15.12 -15.14
C SER A 161 -21.96 -13.85 -15.02
N LEU A 162 -21.34 -12.77 -14.56
CA LEU A 162 -22.04 -11.49 -14.42
C LEU A 162 -21.68 -10.61 -15.60
N GLN A 163 -21.01 -11.18 -16.58
CA GLN A 163 -20.58 -10.45 -17.77
C GLN A 163 -20.63 -11.40 -18.96
N ASP A 164 -20.53 -10.85 -20.16
CA ASP A 164 -20.54 -11.70 -21.34
C ASP A 164 -19.15 -12.31 -21.42
N ILE A 165 -19.07 -13.54 -21.89
CA ILE A 165 -17.81 -14.23 -22.00
C ILE A 165 -17.67 -14.77 -23.42
N PRO A 166 -16.72 -14.23 -24.19
CA PRO A 166 -16.50 -14.68 -25.57
C PRO A 166 -16.19 -16.17 -25.61
N PRO A 167 -16.39 -16.82 -26.76
CA PRO A 167 -16.11 -18.26 -26.90
C PRO A 167 -14.62 -18.51 -26.70
N GLY A 168 -14.29 -19.70 -26.18
CA GLY A 168 -12.89 -20.06 -25.98
C GLY A 168 -12.13 -19.30 -24.92
N THR A 169 -12.86 -18.73 -23.97
CA THR A 169 -12.24 -17.98 -22.89
C THR A 169 -12.06 -18.88 -21.67
N PHE A 170 -10.91 -18.75 -21.01
CA PHE A 170 -10.65 -19.53 -19.81
C PHE A 170 -11.56 -18.97 -18.72
N VAL A 171 -12.38 -19.82 -18.13
CA VAL A 171 -13.28 -19.34 -17.08
C VAL A 171 -12.74 -19.65 -15.70
N CYS A 172 -12.54 -20.93 -15.40
CA CYS A 172 -12.01 -21.33 -14.10
C CYS A 172 -11.47 -22.74 -14.16
N GLU A 173 -10.71 -23.11 -13.12
CA GLU A 173 -10.11 -24.43 -13.01
C GLU A 173 -10.96 -25.28 -12.07
N TYR A 174 -10.98 -26.60 -12.27
CA TYR A 174 -11.71 -27.48 -11.36
C TYR A 174 -10.70 -27.84 -10.27
N VAL A 175 -10.80 -27.16 -9.13
CA VAL A 175 -9.87 -27.36 -8.02
C VAL A 175 -10.41 -28.21 -6.88
N GLY A 176 -9.55 -29.04 -6.30
CA GLY A 176 -9.98 -29.87 -5.20
C GLY A 176 -8.85 -30.65 -4.56
N GLU A 177 -9.21 -31.75 -3.91
CA GLU A 177 -8.28 -32.63 -3.24
C GLU A 177 -7.80 -33.69 -4.23
N LEU A 178 -6.51 -33.68 -4.52
CA LEU A 178 -5.93 -34.65 -5.44
C LEU A 178 -5.78 -35.97 -4.70
N ILE A 179 -6.40 -37.02 -5.20
CA ILE A 179 -6.34 -38.32 -4.54
C ILE A 179 -6.17 -39.47 -5.52
N SER A 180 -5.75 -40.62 -5.00
CA SER A 180 -5.56 -41.79 -5.86
C SER A 180 -6.89 -42.45 -6.17
N ASP A 181 -6.89 -43.27 -7.22
CA ASP A 181 -8.08 -43.98 -7.65
C ASP A 181 -8.63 -44.89 -6.56
N SER A 182 -7.74 -45.62 -5.89
CA SER A 182 -8.17 -46.51 -4.82
C SER A 182 -8.72 -45.72 -3.65
N GLU A 183 -8.18 -44.51 -3.45
CA GLU A 183 -8.65 -43.66 -2.36
C GLU A 183 -10.05 -43.14 -2.67
N ALA A 184 -10.30 -42.79 -3.92
CA ALA A 184 -11.61 -42.29 -4.32
C ALA A 184 -12.60 -43.44 -4.26
N ASP A 185 -12.08 -44.66 -4.31
CA ASP A 185 -12.93 -45.83 -4.29
C ASP A 185 -13.52 -46.16 -2.93
N VAL A 186 -12.98 -45.57 -1.87
CA VAL A 186 -13.52 -45.85 -0.53
C VAL A 186 -14.21 -44.62 0.05
N ARG A 187 -14.64 -43.70 -0.82
CA ARG A 187 -15.33 -42.51 -0.35
C ARG A 187 -16.83 -42.56 -0.63
N GLU A 188 -17.62 -42.39 0.40
CA GLU A 188 -19.07 -42.41 0.28
C GLU A 188 -19.56 -41.35 -0.69
N GLU A 189 -19.39 -40.09 -0.32
CA GLU A 189 -19.81 -38.98 -1.17
C GLU A 189 -18.85 -38.86 -2.35
N ASP A 190 -19.35 -39.24 -3.53
CA ASP A 190 -18.55 -39.21 -4.73
C ASP A 190 -19.09 -38.21 -5.76
N SER A 191 -20.02 -37.36 -5.32
CA SER A 191 -20.64 -36.37 -6.20
C SER A 191 -19.74 -35.21 -6.61
N TYR A 192 -18.59 -35.07 -5.96
CA TYR A 192 -17.67 -33.99 -6.27
C TYR A 192 -16.36 -34.45 -6.89
N LEU A 193 -16.31 -35.71 -7.30
CA LEU A 193 -15.10 -36.25 -7.91
C LEU A 193 -14.99 -35.86 -9.36
N PHE A 194 -13.76 -35.88 -9.88
CA PHE A 194 -13.50 -35.58 -11.27
C PHE A 194 -12.33 -36.49 -11.61
N ASP A 195 -12.57 -37.43 -12.51
CA ASP A 195 -11.53 -38.39 -12.88
C ASP A 195 -10.51 -37.81 -13.83
N LEU A 196 -9.24 -38.15 -13.60
CA LEU A 196 -8.14 -37.74 -14.43
C LEU A 196 -7.69 -39.07 -15.04
N ASP A 197 -8.64 -39.76 -15.68
CA ASP A 197 -8.41 -41.06 -16.31
C ASP A 197 -7.10 -41.12 -17.09
N GLY A 201 -1.54 -46.37 -17.11
CA GLY A 201 -1.89 -47.04 -15.86
C GLY A 201 -1.88 -46.05 -14.69
N GLU A 202 -2.52 -46.44 -13.58
CA GLU A 202 -2.61 -45.62 -12.38
C GLU A 202 -3.35 -44.31 -12.65
N VAL A 203 -4.59 -44.22 -12.17
CA VAL A 203 -5.38 -43.01 -12.36
C VAL A 203 -5.56 -42.27 -11.05
N TYR A 204 -5.81 -40.97 -11.15
CA TYR A 204 -5.99 -40.11 -10.00
C TYR A 204 -7.25 -39.29 -10.19
N CYS A 205 -7.78 -38.75 -9.11
CA CYS A 205 -8.98 -37.93 -9.18
C CYS A 205 -8.82 -36.69 -8.34
N ILE A 206 -9.73 -35.75 -8.55
CA ILE A 206 -9.76 -34.53 -7.77
C ILE A 206 -11.11 -34.61 -7.05
N ASP A 207 -11.08 -34.62 -5.73
CA ASP A 207 -12.32 -34.65 -4.96
C ASP A 207 -12.52 -33.24 -4.42
N ALA A 208 -13.61 -32.60 -4.84
CA ALA A 208 -13.88 -31.23 -4.39
C ALA A 208 -14.87 -31.17 -3.23
N ARG A 209 -15.15 -32.32 -2.61
CA ARG A 209 -16.10 -32.37 -1.49
C ARG A 209 -15.67 -31.59 -0.27
N PHE A 210 -14.50 -31.93 0.26
CA PHE A 210 -13.99 -31.26 1.47
C PHE A 210 -13.17 -30.03 1.17
N TYR A 211 -12.40 -30.08 0.09
CA TYR A 211 -11.57 -28.95 -0.33
C TYR A 211 -11.88 -28.72 -1.80
N GLY A 212 -12.24 -27.49 -2.15
CA GLY A 212 -12.56 -27.21 -3.53
C GLY A 212 -12.67 -25.72 -3.77
N ASN A 213 -12.80 -25.33 -5.04
CA ASN A 213 -12.95 -23.92 -5.36
C ASN A 213 -14.34 -23.70 -5.94
N VAL A 214 -14.55 -22.58 -6.61
CA VAL A 214 -15.86 -22.25 -7.17
C VAL A 214 -16.41 -23.32 -8.11
N SER A 215 -15.54 -24.11 -8.73
CA SER A 215 -15.99 -25.13 -9.66
C SER A 215 -16.84 -26.24 -9.04
N ARG A 216 -16.73 -26.43 -7.73
CA ARG A 216 -17.50 -27.46 -7.05
C ARG A 216 -19.01 -27.17 -7.08
N PHE A 217 -19.38 -25.97 -7.49
CA PHE A 217 -20.78 -25.56 -7.53
C PHE A 217 -21.37 -25.50 -8.94
N ILE A 218 -20.55 -25.74 -9.94
CA ILE A 218 -21.05 -25.69 -11.32
C ILE A 218 -21.89 -26.94 -11.56
N ASN A 219 -23.13 -26.74 -12.00
CA ASN A 219 -24.04 -27.85 -12.26
C ASN A 219 -23.80 -28.48 -13.62
N HIS A 220 -24.27 -29.72 -13.76
CA HIS A 220 -24.16 -30.46 -15.00
C HIS A 220 -25.11 -29.90 -16.02
N HIS A 221 -24.76 -30.06 -17.29
CA HIS A 221 -25.61 -29.60 -18.38
C HIS A 221 -25.31 -30.45 -19.61
N CYS A 222 -26.35 -30.95 -20.26
CA CYS A 222 -26.18 -31.79 -21.43
C CYS A 222 -25.70 -31.04 -22.68
N GLU A 223 -25.85 -29.73 -22.70
CA GLU A 223 -25.40 -28.90 -23.81
C GLU A 223 -24.59 -27.78 -23.14
N PRO A 224 -23.49 -28.15 -22.47
CA PRO A 224 -22.56 -27.30 -21.74
C PRO A 224 -21.92 -26.10 -22.44
N ASN A 225 -21.86 -24.98 -21.72
CA ASN A 225 -21.22 -23.78 -22.24
C ASN A 225 -19.77 -23.80 -21.74
N LEU A 226 -19.41 -24.86 -21.03
CA LEU A 226 -18.03 -25.01 -20.53
C LEU A 226 -17.50 -26.40 -20.90
N VAL A 227 -16.22 -26.45 -21.27
CA VAL A 227 -15.59 -27.72 -21.62
C VAL A 227 -14.28 -27.81 -20.86
N PRO A 228 -14.01 -28.97 -20.24
CA PRO A 228 -12.77 -29.18 -19.48
C PRO A 228 -11.60 -29.55 -20.39
N VAL A 229 -10.46 -28.91 -20.14
CA VAL A 229 -9.25 -29.16 -20.92
C VAL A 229 -8.11 -29.48 -19.97
N ARG A 230 -7.34 -30.52 -20.29
CA ARG A 230 -6.21 -30.90 -19.47
C ARG A 230 -5.07 -29.97 -19.80
N VAL A 231 -4.53 -29.32 -18.78
CA VAL A 231 -3.45 -28.35 -18.98
C VAL A 231 -2.25 -28.59 -18.07
N PHE A 232 -1.07 -28.25 -18.58
CA PHE A 232 0.15 -28.39 -17.83
C PHE A 232 0.90 -27.07 -17.80
N MET A 233 1.30 -26.67 -16.60
CA MET A 233 2.01 -25.42 -16.42
C MET A 233 3.36 -25.60 -15.71
N ALA A 234 3.38 -25.50 -14.37
CA ALA A 234 4.62 -25.63 -13.60
C ALA A 234 5.29 -27.00 -13.69
N HIS A 235 4.50 -28.04 -13.91
CA HIS A 235 5.07 -29.38 -14.02
C HIS A 235 4.42 -30.06 -15.22
N GLN A 236 5.03 -31.14 -15.70
CA GLN A 236 4.47 -31.85 -16.83
C GLN A 236 4.31 -33.35 -16.54
N ASP A 237 3.90 -33.64 -15.30
CA ASP A 237 3.66 -35.01 -14.88
C ASP A 237 2.27 -35.37 -15.42
N LEU A 238 2.25 -36.17 -16.49
CA LEU A 238 1.00 -36.56 -17.15
C LEU A 238 -0.07 -37.23 -16.30
N ARG A 239 0.31 -37.73 -15.13
CA ARG A 239 -0.66 -38.36 -14.25
C ARG A 239 -1.50 -37.28 -13.56
N PHE A 240 -0.97 -36.06 -13.51
CA PHE A 240 -1.65 -34.98 -12.82
C PHE A 240 -1.99 -33.75 -13.64
N PRO A 241 -2.88 -33.89 -14.63
CA PRO A 241 -3.23 -32.72 -15.42
C PRO A 241 -4.08 -31.79 -14.55
N ARG A 242 -4.12 -30.51 -14.93
CA ARG A 242 -4.96 -29.57 -14.20
C ARG A 242 -6.14 -29.32 -15.14
N ILE A 243 -7.34 -29.31 -14.58
CA ILE A 243 -8.56 -29.15 -15.36
C ILE A 243 -9.02 -27.71 -15.51
N ALA A 244 -8.92 -27.20 -16.74
CA ALA A 244 -9.32 -25.84 -17.04
C ALA A 244 -10.62 -25.82 -17.84
N PHE A 245 -11.57 -24.99 -17.42
CA PHE A 245 -12.84 -24.88 -18.13
C PHE A 245 -12.78 -23.68 -19.07
N PHE A 246 -13.04 -23.94 -20.34
CA PHE A 246 -13.06 -22.91 -21.38
C PHE A 246 -14.51 -22.85 -21.88
N SER A 247 -14.98 -21.65 -22.22
CA SER A 247 -16.34 -21.50 -22.72
C SER A 247 -16.42 -22.07 -24.13
N THR A 248 -17.48 -22.83 -24.40
CA THR A 248 -17.66 -23.45 -25.71
C THR A 248 -18.39 -22.55 -26.71
N ARG A 249 -18.84 -21.39 -26.23
CA ARG A 249 -19.56 -20.44 -27.05
C ARG A 249 -19.72 -19.18 -26.23
N LEU A 250 -20.38 -18.18 -26.79
CA LEU A 250 -20.61 -16.95 -26.06
C LEU A 250 -21.50 -17.26 -24.87
N ILE A 251 -21.15 -16.73 -23.71
CA ILE A 251 -21.94 -16.93 -22.51
C ILE A 251 -22.40 -15.52 -22.15
N GLU A 252 -23.71 -15.34 -22.05
CA GLU A 252 -24.24 -14.02 -21.75
C GLU A 252 -24.29 -13.73 -20.26
N ALA A 253 -24.15 -12.45 -19.91
CA ALA A 253 -24.19 -12.05 -18.52
C ALA A 253 -25.45 -12.63 -17.88
N GLY A 254 -25.31 -13.19 -16.68
CA GLY A 254 -26.44 -13.76 -15.98
C GLY A 254 -26.64 -15.24 -16.27
N GLU A 255 -26.07 -15.73 -17.37
CA GLU A 255 -26.21 -17.13 -17.76
C GLU A 255 -25.49 -18.05 -16.78
N GLN A 256 -26.12 -19.16 -16.42
CA GLN A 256 -25.50 -20.13 -15.50
C GLN A 256 -24.45 -20.96 -16.21
N LEU A 257 -23.36 -21.28 -15.51
CA LEU A 257 -22.28 -22.07 -16.09
C LEU A 257 -22.62 -23.55 -15.92
N GLY A 258 -22.16 -24.37 -16.86
CA GLY A 258 -22.40 -25.79 -16.76
C GLY A 258 -21.43 -26.58 -17.60
N PHE A 259 -21.21 -27.84 -17.25
CA PHE A 259 -20.33 -28.70 -18.03
C PHE A 259 -20.90 -30.12 -17.96
N ASP A 260 -20.48 -30.97 -18.89
CA ASP A 260 -20.96 -32.34 -18.96
C ASP A 260 -20.24 -33.22 -17.94
N TYR A 261 -20.97 -33.74 -16.96
CA TYR A 261 -20.37 -34.58 -15.93
C TYR A 261 -19.85 -35.90 -16.50
N GLY A 262 -20.47 -36.38 -17.57
CA GLY A 262 -19.99 -37.62 -18.17
C GLY A 262 -20.76 -38.88 -17.81
N GLU A 263 -20.38 -39.96 -18.47
CA GLU A 263 -21.02 -41.25 -18.30
C GLU A 263 -20.90 -41.90 -16.92
N ARG A 264 -19.71 -41.87 -16.33
CA ARG A 264 -19.55 -42.47 -15.02
C ARG A 264 -20.49 -41.86 -13.99
N PHE A 265 -20.58 -40.53 -13.97
CA PHE A 265 -21.45 -39.85 -13.02
C PHE A 265 -22.88 -40.33 -13.17
N TRP A 266 -23.41 -40.25 -14.39
CA TRP A 266 -24.78 -40.65 -14.64
C TRP A 266 -25.09 -42.14 -14.58
N ASP A 267 -24.10 -42.98 -14.83
CA ASP A 267 -24.35 -44.42 -14.75
C ASP A 267 -24.53 -44.79 -13.28
N ILE A 268 -24.05 -43.92 -12.39
CA ILE A 268 -24.17 -44.15 -10.96
C ILE A 268 -25.32 -43.37 -10.33
N LYS A 269 -25.42 -42.08 -10.66
CA LYS A 269 -26.48 -41.22 -10.12
C LYS A 269 -27.78 -41.30 -10.90
N GLY A 270 -27.68 -41.73 -12.16
CA GLY A 270 -28.87 -41.84 -12.98
C GLY A 270 -29.94 -42.68 -12.32
N LYS A 271 -29.52 -43.61 -11.46
CA LYS A 271 -30.43 -44.49 -10.75
C LYS A 271 -30.96 -43.87 -9.46
N LEU A 272 -30.71 -42.58 -9.28
CA LEU A 272 -31.18 -41.89 -8.07
C LEU A 272 -32.03 -40.68 -8.44
N PHE A 273 -31.78 -40.12 -9.62
CA PHE A 273 -32.52 -38.96 -10.10
C PHE A 273 -32.26 -38.74 -11.58
N SER A 274 -33.06 -37.87 -12.19
CA SER A 274 -32.90 -37.57 -13.61
C SER A 274 -32.32 -36.19 -13.77
N CYS A 275 -31.51 -36.01 -14.80
CA CYS A 275 -30.91 -34.71 -15.04
C CYS A 275 -32.01 -33.69 -15.29
N ARG A 276 -31.83 -32.50 -14.76
CA ARG A 276 -32.81 -31.43 -14.94
C ARG A 276 -32.16 -30.22 -15.58
N CYS A 277 -31.18 -30.45 -16.45
CA CYS A 277 -30.50 -29.35 -17.11
C CYS A 277 -31.51 -28.65 -18.01
N GLY A 278 -32.62 -29.34 -18.28
CA GLY A 278 -33.67 -28.78 -19.12
C GLY A 278 -33.31 -28.54 -20.58
N SER A 279 -32.36 -29.31 -21.09
CA SER A 279 -31.95 -29.16 -22.49
C SER A 279 -32.81 -30.01 -23.43
N PRO A 280 -33.14 -29.46 -24.61
CA PRO A 280 -33.94 -30.22 -25.58
C PRO A 280 -33.21 -31.49 -25.97
N LYS A 281 -31.91 -31.55 -25.67
CA LYS A 281 -31.11 -32.72 -26.00
C LYS A 281 -30.65 -33.45 -24.74
N CYS A 282 -31.27 -33.15 -23.60
CA CYS A 282 -30.92 -33.79 -22.35
C CYS A 282 -30.79 -35.30 -22.56
N ARG A 283 -29.63 -35.84 -22.25
CA ARG A 283 -29.38 -37.27 -22.43
C ARG A 283 -29.48 -38.07 -21.15
N HIS A 284 -30.01 -37.47 -20.09
CA HIS A 284 -30.12 -38.18 -18.82
C HIS A 284 -31.45 -37.98 -18.11
N SER A 285 -32.53 -38.04 -18.89
CA SER A 285 -33.88 -37.89 -18.36
C SER A 285 -34.87 -38.26 -19.47
N GLU B 26 27.14 4.12 -18.10
CA GLU B 26 25.77 3.90 -17.55
C GLU B 26 24.88 3.18 -18.57
N ARG B 27 25.28 1.98 -18.96
CA ARG B 27 24.54 1.20 -19.94
C ARG B 27 23.63 0.12 -19.34
N ILE B 28 22.42 0.04 -19.88
CA ILE B 28 21.44 -0.95 -19.44
C ILE B 28 21.69 -2.24 -20.21
N VAL B 29 22.14 -3.28 -19.52
CA VAL B 29 22.40 -4.56 -20.19
C VAL B 29 21.21 -5.50 -20.13
N SER B 30 20.13 -5.06 -19.48
CA SER B 30 18.90 -5.84 -19.39
C SER B 30 17.81 -5.02 -18.70
N ARG B 31 16.61 -5.06 -19.26
CA ARG B 31 15.50 -4.30 -18.69
C ARG B 31 14.88 -5.05 -17.52
N ASP B 32 15.17 -6.34 -17.42
CA ASP B 32 14.62 -7.16 -16.33
C ASP B 32 15.22 -8.56 -16.33
N ILE B 33 16.11 -8.84 -15.40
CA ILE B 33 16.73 -10.15 -15.36
C ILE B 33 15.72 -11.23 -14.98
N ALA B 34 14.56 -10.83 -14.48
CA ALA B 34 13.54 -11.80 -14.06
C ALA B 34 12.54 -12.14 -15.18
N ARG B 35 12.61 -11.39 -16.28
CA ARG B 35 11.73 -11.64 -17.43
C ARG B 35 10.24 -11.54 -17.10
N GLY B 36 9.90 -10.61 -16.23
CA GLY B 36 8.50 -10.43 -15.87
C GLY B 36 7.99 -11.34 -14.75
N TYR B 37 8.85 -12.19 -14.19
CA TYR B 37 8.41 -13.06 -13.11
C TYR B 37 8.26 -12.39 -11.74
N GLU B 38 8.98 -11.30 -11.48
CA GLU B 38 8.85 -10.60 -10.20
C GLU B 38 7.76 -9.53 -10.39
N ARG B 39 7.20 -9.03 -9.30
CA ARG B 39 6.13 -8.03 -9.40
C ARG B 39 6.68 -6.70 -9.90
N ILE B 40 7.98 -6.54 -9.79
CA ILE B 40 8.65 -5.33 -10.23
C ILE B 40 9.89 -5.76 -10.99
N PRO B 41 10.13 -5.18 -12.18
CA PRO B 41 11.33 -5.57 -12.93
C PRO B 41 12.63 -5.35 -12.16
N ILE B 42 13.67 -6.09 -12.54
CA ILE B 42 14.97 -5.96 -11.91
C ILE B 42 15.99 -5.72 -13.01
N PRO B 43 16.23 -4.44 -13.36
CA PRO B 43 17.19 -4.10 -14.40
C PRO B 43 18.62 -4.45 -14.06
N CYS B 44 19.45 -4.52 -15.09
CA CYS B 44 20.86 -4.81 -14.90
C CYS B 44 21.64 -3.75 -15.67
N VAL B 45 22.58 -3.10 -14.98
CA VAL B 45 23.38 -2.07 -15.61
C VAL B 45 24.85 -2.35 -15.38
N ASN B 46 25.69 -1.78 -16.24
CA ASN B 46 27.13 -1.95 -16.15
C ASN B 46 27.77 -0.64 -16.56
N ALA B 47 28.51 -0.02 -15.66
CA ALA B 47 29.18 1.24 -15.94
C ALA B 47 30.60 1.16 -15.44
N VAL B 48 31.15 -0.05 -15.44
CA VAL B 48 32.50 -0.29 -14.96
C VAL B 48 33.37 -0.95 -16.03
N ASP B 49 32.78 -1.87 -16.78
CA ASP B 49 33.54 -2.56 -17.82
C ASP B 49 32.69 -3.01 -19.00
N SER B 50 33.16 -4.08 -19.65
CA SER B 50 32.49 -4.63 -20.83
C SER B 50 31.57 -5.81 -20.54
N GLU B 51 31.77 -6.47 -19.41
CA GLU B 51 30.96 -7.62 -19.04
C GLU B 51 29.47 -7.49 -19.33
N PRO B 52 28.89 -8.49 -19.97
CA PRO B 52 27.46 -8.50 -20.31
C PRO B 52 26.71 -8.95 -19.06
N CYS B 53 25.39 -8.84 -19.08
CA CYS B 53 24.59 -9.27 -17.95
C CYS B 53 24.85 -10.77 -17.76
N PRO B 54 25.09 -11.20 -16.51
CA PRO B 54 25.34 -12.62 -16.21
C PRO B 54 24.27 -13.51 -16.84
N SER B 55 24.69 -14.63 -17.42
CA SER B 55 23.75 -15.55 -18.05
C SER B 55 24.21 -17.00 -17.92
N ASN B 56 25.09 -17.26 -16.98
CA ASN B 56 25.59 -18.60 -16.76
C ASN B 56 24.82 -19.26 -15.61
N TYR B 57 23.55 -18.92 -15.51
CA TYR B 57 22.67 -19.47 -14.48
C TYR B 57 21.24 -19.26 -14.98
N LYS B 58 20.27 -19.90 -14.35
CA LYS B 58 18.88 -19.75 -14.77
C LYS B 58 18.11 -19.02 -13.68
N TYR B 59 17.50 -17.89 -14.05
CA TYR B 59 16.72 -17.11 -13.09
C TYR B 59 15.39 -17.78 -12.80
N VAL B 60 15.11 -18.01 -11.51
CA VAL B 60 13.85 -18.59 -11.08
C VAL B 60 13.39 -17.72 -9.91
N SER B 61 12.12 -17.34 -9.91
CA SER B 61 11.58 -16.48 -8.86
C SER B 61 11.18 -17.26 -7.62
N GLN B 62 11.10 -18.58 -7.74
CA GLN B 62 10.74 -19.45 -6.62
C GLN B 62 11.66 -20.65 -6.58
N ASN B 63 11.85 -21.24 -5.41
CA ASN B 63 12.75 -22.40 -5.28
C ASN B 63 12.34 -23.57 -6.16
N CYS B 64 13.33 -24.33 -6.60
CA CYS B 64 13.08 -25.49 -7.43
C CYS B 64 13.91 -26.66 -6.90
N VAL B 65 13.61 -27.86 -7.37
CA VAL B 65 14.35 -29.05 -6.99
C VAL B 65 14.76 -29.75 -8.27
N THR B 66 15.83 -30.52 -8.19
CA THR B 66 16.34 -31.24 -9.34
C THR B 66 16.29 -32.73 -9.01
N SER B 67 15.29 -33.11 -8.24
CA SER B 67 15.13 -34.50 -7.83
C SER B 67 13.85 -34.62 -7.05
N PRO B 68 13.52 -35.82 -6.58
CA PRO B 68 12.28 -35.94 -5.81
C PRO B 68 12.59 -35.29 -4.48
N MET B 69 11.62 -34.63 -3.87
CA MET B 69 11.83 -33.97 -2.59
C MET B 69 10.51 -34.12 -1.84
N ASN B 70 10.53 -34.95 -0.81
CA ASN B 70 9.35 -35.26 -0.03
C ASN B 70 8.90 -34.18 0.95
N ILE B 71 8.77 -32.93 0.47
CA ILE B 71 8.31 -31.85 1.33
C ILE B 71 6.89 -32.21 1.76
N ASP B 72 6.64 -32.20 3.07
CA ASP B 72 5.31 -32.53 3.56
C ASP B 72 4.31 -31.47 3.14
N ARG B 73 3.44 -31.79 2.18
CA ARG B 73 2.44 -30.84 1.73
C ARG B 73 1.03 -31.29 2.09
N ASN B 74 0.93 -32.22 3.04
CA ASN B 74 -0.39 -32.70 3.46
C ASN B 74 -1.08 -31.54 4.14
N ILE B 75 -2.15 -31.03 3.53
CA ILE B 75 -2.85 -29.88 4.09
C ILE B 75 -3.33 -30.07 5.53
N THR B 76 -3.62 -31.31 5.93
CA THR B 76 -4.08 -31.57 7.29
C THR B 76 -2.96 -31.49 8.32
N HIS B 77 -1.73 -31.38 7.87
CA HIS B 77 -0.61 -31.27 8.80
C HIS B 77 -0.30 -29.81 9.11
N LEU B 78 -0.96 -28.90 8.41
CA LEU B 78 -0.74 -27.48 8.62
C LEU B 78 -1.35 -26.95 9.90
N GLN B 79 -0.61 -26.10 10.59
CA GLN B 79 -1.13 -25.45 11.79
C GLN B 79 -1.72 -24.19 11.20
N TYR B 80 -2.93 -23.84 11.60
CA TYR B 80 -3.56 -22.65 11.03
C TYR B 80 -4.37 -21.90 12.09
N CYS B 81 -4.85 -20.72 11.74
CA CYS B 81 -5.63 -19.92 12.66
C CYS B 81 -7.08 -19.86 12.18
N VAL B 82 -7.98 -19.47 13.06
CA VAL B 82 -9.39 -19.36 12.71
C VAL B 82 -9.89 -17.95 12.96
N CYS B 83 -8.98 -16.99 12.89
CA CYS B 83 -9.34 -15.60 13.13
C CYS B 83 -10.42 -15.12 12.18
N ILE B 84 -11.22 -14.18 12.66
CA ILE B 84 -12.30 -13.59 11.87
C ILE B 84 -11.96 -12.12 11.60
N ASP B 85 -10.94 -11.63 12.28
CA ASP B 85 -10.49 -10.25 12.12
C ASP B 85 -9.32 -10.21 11.14
N ASP B 86 -8.41 -9.27 11.33
CA ASP B 86 -7.25 -9.14 10.44
C ASP B 86 -6.00 -9.77 11.04
N CYS B 87 -6.21 -10.73 11.95
CA CYS B 87 -5.11 -11.44 12.61
C CYS B 87 -4.19 -10.52 13.37
N SER B 88 -4.78 -9.65 14.19
CA SER B 88 -4.01 -8.73 15.01
C SER B 88 -4.03 -9.16 16.48
N SER B 89 -4.99 -10.02 16.83
CA SER B 89 -5.09 -10.47 18.21
C SER B 89 -4.05 -11.52 18.57
N SER B 90 -3.73 -11.60 19.87
CA SER B 90 -2.76 -12.56 20.36
C SER B 90 -3.31 -13.99 20.26
N ASN B 91 -4.58 -14.12 19.90
CA ASN B 91 -5.19 -15.43 19.79
C ASN B 91 -4.93 -16.09 18.42
N CYS B 92 -4.14 -15.43 17.59
CA CYS B 92 -3.82 -15.97 16.27
C CYS B 92 -2.75 -17.05 16.39
N MET B 93 -3.16 -18.29 16.13
CA MET B 93 -2.25 -19.43 16.22
C MET B 93 -0.97 -19.16 15.45
N CYS B 94 -1.11 -18.59 14.25
CA CYS B 94 0.04 -18.30 13.41
C CYS B 94 1.01 -17.33 14.05
N GLY B 95 0.46 -16.32 14.73
CA GLY B 95 1.32 -15.36 15.40
C GLY B 95 2.02 -16.09 16.55
N GLN B 96 1.27 -16.93 17.26
CA GLN B 96 1.83 -17.69 18.38
C GLN B 96 3.00 -18.56 17.94
N LEU B 97 2.85 -19.25 16.81
CA LEU B 97 3.92 -20.09 16.30
C LEU B 97 5.16 -19.24 16.02
N SER B 98 4.93 -17.98 15.68
CA SER B 98 6.02 -17.04 15.40
C SER B 98 6.43 -16.34 16.70
N MET B 99 5.82 -16.76 17.81
CA MET B 99 6.02 -16.19 19.14
C MET B 99 4.98 -15.07 19.20
N ARG B 100 4.94 -14.28 18.13
CA ARG B 100 3.98 -13.20 17.96
C ARG B 100 4.12 -12.72 16.52
N CYS B 101 3.07 -12.08 15.99
CA CYS B 101 3.15 -11.53 14.66
C CYS B 101 4.02 -10.28 14.79
N TRP B 102 5.11 -10.22 14.03
CA TRP B 102 6.02 -9.09 14.10
C TRP B 102 5.78 -7.99 13.07
N TYR B 103 4.69 -8.10 12.32
CA TYR B 103 4.39 -7.12 11.28
C TYR B 103 3.43 -6.01 11.71
N ASP B 104 3.73 -4.77 11.30
CA ASP B 104 2.83 -3.66 11.60
C ASP B 104 1.83 -3.59 10.44
N LYS B 105 0.93 -2.61 10.44
CA LYS B 105 -0.06 -2.51 9.38
C LYS B 105 0.51 -2.31 7.98
N ASP B 106 1.82 -2.04 7.89
CA ASP B 106 2.48 -1.84 6.59
C ASP B 106 3.33 -3.04 6.15
N GLY B 107 3.35 -4.10 6.96
CA GLY B 107 4.12 -5.27 6.60
C GLY B 107 5.57 -5.20 7.06
N ARG B 108 5.89 -4.21 7.89
CA ARG B 108 7.26 -4.06 8.39
C ARG B 108 7.43 -4.66 9.79
N LEU B 109 8.61 -5.20 10.05
CA LEU B 109 8.93 -5.79 11.34
C LEU B 109 8.92 -4.75 12.46
N LEU B 110 8.35 -5.12 13.59
CA LEU B 110 8.29 -4.23 14.74
C LEU B 110 9.70 -3.99 15.24
N PRO B 111 9.93 -2.86 15.94
CA PRO B 111 11.25 -2.50 16.47
C PRO B 111 11.82 -3.58 17.38
N GLU B 112 10.95 -4.28 18.09
CA GLU B 112 11.35 -5.33 19.02
C GLU B 112 11.83 -6.63 18.39
N PHE B 113 11.68 -6.75 17.07
CA PHE B 113 12.12 -7.96 16.38
C PHE B 113 13.62 -8.17 16.63
N ASN B 114 13.98 -9.34 17.15
CA ASN B 114 15.38 -9.64 17.44
C ASN B 114 16.15 -9.87 16.14
N MET B 115 16.84 -8.84 15.66
CA MET B 115 17.60 -8.92 14.43
C MET B 115 18.85 -9.79 14.56
N ALA B 116 19.33 -9.97 15.79
CA ALA B 116 20.54 -10.77 16.03
C ALA B 116 20.26 -12.27 15.96
N GLU B 117 19.17 -12.69 16.58
CA GLU B 117 18.80 -14.10 16.58
C GLU B 117 17.33 -14.16 16.22
N PRO B 118 17.02 -13.98 14.92
CA PRO B 118 15.64 -13.99 14.42
C PRO B 118 14.87 -15.27 14.75
N PRO B 119 13.61 -15.12 15.14
CA PRO B 119 12.79 -16.29 15.46
C PRO B 119 12.24 -16.81 14.13
N LEU B 120 11.61 -17.98 14.14
CA LEU B 120 11.03 -18.50 12.91
C LEU B 120 9.72 -17.76 12.72
N ILE B 121 9.38 -17.42 11.48
CA ILE B 121 8.12 -16.74 11.23
C ILE B 121 7.17 -17.65 10.47
N PHE B 122 5.96 -17.79 11.01
CA PHE B 122 4.92 -18.61 10.39
C PHE B 122 3.83 -17.67 9.89
N GLU B 123 3.80 -17.43 8.59
CA GLU B 123 2.80 -16.55 8.02
C GLU B 123 1.51 -17.35 7.85
N CYS B 124 0.39 -16.65 7.69
CA CYS B 124 -0.87 -17.35 7.51
C CYS B 124 -0.85 -18.08 6.17
N ASN B 125 -1.68 -19.11 6.06
CA ASN B 125 -1.70 -19.91 4.85
C ASN B 125 -3.12 -20.20 4.38
N HIS B 126 -3.22 -21.05 3.36
CA HIS B 126 -4.52 -21.39 2.79
C HIS B 126 -5.42 -22.26 3.68
N ALA B 127 -4.91 -22.71 4.82
CA ALA B 127 -5.75 -23.50 5.72
C ALA B 127 -6.43 -22.55 6.70
N CYS B 128 -5.82 -21.39 6.92
CA CYS B 128 -6.38 -20.40 7.83
C CYS B 128 -7.72 -19.94 7.28
N SER B 129 -8.59 -19.48 8.16
CA SER B 129 -9.91 -19.01 7.74
C SER B 129 -9.92 -17.51 7.51
N CYS B 130 -8.77 -16.87 7.74
CA CYS B 130 -8.68 -15.43 7.55
C CYS B 130 -8.56 -15.06 6.07
N TRP B 131 -8.59 -13.77 5.78
CA TRP B 131 -8.49 -13.30 4.39
C TRP B 131 -7.06 -13.22 3.89
N ARG B 132 -6.93 -13.26 2.57
CA ARG B 132 -5.63 -13.20 1.91
C ARG B 132 -4.87 -11.90 2.19
N ASN B 133 -5.56 -10.94 2.81
CA ASN B 133 -4.94 -9.66 3.13
C ASN B 133 -4.81 -9.41 4.63
N CYS B 134 -4.80 -10.47 5.43
CA CYS B 134 -4.67 -10.30 6.87
C CYS B 134 -3.28 -9.74 7.16
N ARG B 135 -3.04 -9.34 8.39
CA ARG B 135 -1.76 -8.75 8.79
C ARG B 135 -0.55 -9.66 8.69
N ASN B 136 -0.75 -10.95 8.93
CA ASN B 136 0.36 -11.91 8.94
C ASN B 136 0.70 -12.51 7.58
N ARG B 137 0.83 -11.65 6.58
CA ARG B 137 1.16 -12.08 5.22
C ARG B 137 2.01 -11.00 4.57
N VAL B 138 3.31 -11.27 4.46
CA VAL B 138 4.23 -10.30 3.87
C VAL B 138 5.11 -10.96 2.83
N VAL B 139 5.96 -11.88 3.29
CA VAL B 139 6.87 -12.58 2.39
C VAL B 139 6.11 -13.25 1.25
N GLN B 140 4.91 -13.75 1.53
CA GLN B 140 4.12 -14.43 0.50
C GLN B 140 3.58 -13.47 -0.57
N ASN B 141 3.79 -12.17 -0.37
CA ASN B 141 3.29 -11.21 -1.34
C ASN B 141 4.32 -10.81 -2.39
N GLY B 142 5.52 -11.37 -2.28
CA GLY B 142 6.56 -11.09 -3.26
C GLY B 142 7.30 -9.77 -3.17
N LEU B 143 8.08 -9.50 -4.22
CA LEU B 143 8.91 -8.31 -4.34
C LEU B 143 8.10 -7.00 -4.35
N ARG B 144 8.51 -6.05 -3.52
CA ARG B 144 7.83 -4.76 -3.47
C ARG B 144 8.81 -3.60 -3.61
N ALA B 145 10.11 -3.90 -3.63
CA ALA B 145 11.11 -2.86 -3.76
C ALA B 145 11.73 -2.85 -5.14
N ARG B 146 12.15 -1.67 -5.59
CA ARG B 146 12.79 -1.55 -6.89
C ARG B 146 14.29 -1.77 -6.70
N LEU B 147 14.77 -2.91 -7.17
CA LEU B 147 16.17 -3.27 -7.04
C LEU B 147 16.85 -3.21 -8.41
N GLN B 148 18.17 -3.34 -8.40
CA GLN B 148 18.92 -3.28 -9.63
C GLN B 148 20.20 -4.08 -9.51
N LEU B 149 20.52 -4.85 -10.54
CA LEU B 149 21.76 -5.60 -10.56
C LEU B 149 22.75 -4.64 -11.21
N TYR B 150 23.95 -4.52 -10.67
CA TYR B 150 24.94 -3.61 -11.25
C TYR B 150 26.36 -4.12 -11.13
N ARG B 151 27.22 -3.67 -12.04
CA ARG B 151 28.62 -4.06 -12.03
C ARG B 151 29.32 -3.19 -10.97
N THR B 152 30.05 -3.84 -10.06
CA THR B 152 30.73 -3.10 -9.01
C THR B 152 32.15 -2.72 -9.42
N ARG B 153 32.72 -1.73 -8.73
CA ARG B 153 34.07 -1.26 -9.00
C ARG B 153 35.02 -2.45 -8.97
N ASP B 154 34.76 -3.39 -8.07
CA ASP B 154 35.56 -4.59 -7.95
C ASP B 154 35.38 -5.46 -9.18
N MET B 155 34.72 -4.90 -10.20
CA MET B 155 34.44 -5.62 -11.43
C MET B 155 33.77 -6.93 -11.10
N GLY B 156 32.77 -6.84 -10.21
CA GLY B 156 31.99 -7.98 -9.79
C GLY B 156 30.55 -7.52 -9.86
N TRP B 157 29.60 -8.35 -9.46
CA TRP B 157 28.21 -7.91 -9.51
C TRP B 157 27.65 -7.74 -8.11
N GLY B 158 26.70 -6.82 -7.98
CA GLY B 158 26.07 -6.58 -6.70
C GLY B 158 24.67 -6.13 -6.98
N VAL B 159 23.86 -6.02 -5.93
CA VAL B 159 22.48 -5.57 -6.07
C VAL B 159 22.30 -4.32 -5.24
N ARG B 160 21.61 -3.33 -5.79
CA ARG B 160 21.38 -2.11 -5.03
C ARG B 160 19.90 -1.75 -5.10
N SER B 161 19.45 -0.93 -4.17
CA SER B 161 18.06 -0.48 -4.15
C SER B 161 17.98 0.79 -4.99
N LEU B 162 16.83 1.06 -5.57
CA LEU B 162 16.64 2.26 -6.38
C LEU B 162 15.77 3.29 -5.67
N GLN B 163 15.37 2.94 -4.45
CA GLN B 163 14.54 3.83 -3.64
C GLN B 163 14.94 3.62 -2.18
N ASP B 164 14.43 4.47 -1.29
CA ASP B 164 14.75 4.31 0.11
C ASP B 164 13.90 3.16 0.66
N ILE B 165 14.52 2.31 1.45
CA ILE B 165 13.81 1.18 2.03
C ILE B 165 13.84 1.32 3.55
N PRO B 166 12.66 1.53 4.16
CA PRO B 166 12.52 1.68 5.60
C PRO B 166 13.02 0.42 6.32
N PRO B 167 13.42 0.56 7.59
CA PRO B 167 13.90 -0.60 8.36
C PRO B 167 12.79 -1.63 8.53
N GLY B 168 13.16 -2.90 8.64
CA GLY B 168 12.19 -3.96 8.84
C GLY B 168 11.34 -4.31 7.64
N THR B 169 11.76 -3.85 6.47
CA THR B 169 11.03 -4.10 5.23
C THR B 169 11.50 -5.38 4.54
N PHE B 170 10.55 -6.19 4.06
CA PHE B 170 10.90 -7.41 3.34
C PHE B 170 11.51 -6.94 2.02
N VAL B 171 12.72 -7.37 1.70
CA VAL B 171 13.37 -6.94 0.47
C VAL B 171 13.31 -8.01 -0.60
N CYS B 172 13.80 -9.21 -0.29
CA CYS B 172 13.77 -10.32 -1.24
C CYS B 172 14.05 -11.65 -0.55
N GLU B 173 13.77 -12.73 -1.27
CA GLU B 173 13.97 -14.07 -0.75
C GLU B 173 15.23 -14.66 -1.37
N TYR B 174 15.94 -15.51 -0.64
CA TYR B 174 17.12 -16.17 -1.19
C TYR B 174 16.57 -17.41 -1.87
N VAL B 175 16.42 -17.35 -3.19
CA VAL B 175 15.88 -18.46 -3.96
C VAL B 175 16.90 -19.28 -4.74
N GLY B 176 16.62 -20.57 -4.90
CA GLY B 176 17.54 -21.42 -5.63
C GLY B 176 17.12 -22.88 -5.73
N GLU B 177 18.12 -23.74 -5.91
CA GLU B 177 17.91 -25.17 -6.01
C GLU B 177 17.97 -25.76 -4.61
N LEU B 178 16.87 -26.39 -4.19
CA LEU B 178 16.80 -27.00 -2.87
C LEU B 178 17.47 -28.37 -2.94
N ILE B 179 18.52 -28.56 -2.15
CA ILE B 179 19.27 -29.82 -2.15
C ILE B 179 19.59 -30.32 -0.74
N SER B 180 19.84 -31.62 -0.62
CA SER B 180 20.17 -32.23 0.66
C SER B 180 21.59 -31.84 1.06
N ASP B 181 21.89 -32.05 2.33
CA ASP B 181 23.21 -31.74 2.86
C ASP B 181 24.28 -32.50 2.07
N SER B 182 24.08 -33.80 1.89
CA SER B 182 25.02 -34.64 1.15
C SER B 182 25.24 -34.14 -0.26
N GLU B 183 24.20 -33.63 -0.90
CA GLU B 183 24.33 -33.12 -2.26
C GLU B 183 25.18 -31.85 -2.23
N ALA B 184 24.90 -30.98 -1.25
CA ALA B 184 25.64 -29.74 -1.10
C ALA B 184 27.10 -30.06 -0.79
N ASP B 185 27.31 -31.16 -0.08
CA ASP B 185 28.65 -31.57 0.31
C ASP B 185 29.54 -32.05 -0.83
N VAL B 186 28.97 -32.26 -2.02
CA VAL B 186 29.78 -32.71 -3.14
C VAL B 186 29.81 -31.72 -4.30
N ARG B 187 29.35 -30.50 -4.05
CA ARG B 187 29.35 -29.47 -5.09
C ARG B 187 30.63 -28.66 -5.01
N GLU B 188 31.32 -28.54 -6.15
CA GLU B 188 32.58 -27.81 -6.21
C GLU B 188 32.39 -26.32 -5.91
N GLU B 189 31.50 -25.67 -6.66
CA GLU B 189 31.23 -24.26 -6.42
C GLU B 189 30.29 -24.20 -5.22
N ASP B 190 30.79 -23.67 -4.11
CA ASP B 190 29.99 -23.59 -2.90
C ASP B 190 29.73 -22.15 -2.47
N SER B 191 30.12 -21.20 -3.30
CA SER B 191 29.94 -19.79 -2.97
C SER B 191 28.49 -19.33 -2.99
N TYR B 192 27.60 -20.12 -3.60
CA TYR B 192 26.20 -19.77 -3.70
C TYR B 192 25.29 -20.57 -2.77
N LEU B 193 25.89 -21.33 -1.86
CA LEU B 193 25.10 -22.14 -0.95
C LEU B 193 24.60 -21.34 0.25
N PHE B 194 23.43 -21.73 0.77
CA PHE B 194 22.86 -21.11 1.96
C PHE B 194 22.31 -22.26 2.77
N ASP B 195 22.82 -22.42 3.99
CA ASP B 195 22.37 -23.50 4.87
C ASP B 195 21.03 -23.17 5.52
N LEU B 196 20.08 -24.09 5.43
CA LEU B 196 18.77 -23.85 6.02
C LEU B 196 18.74 -24.25 7.49
N ASP B 197 19.60 -25.19 7.87
CA ASP B 197 19.67 -25.65 9.25
C ASP B 197 21.12 -25.98 9.59
N ASN B 198 21.55 -25.61 10.79
CA ASN B 198 22.93 -25.89 11.21
C ASN B 198 22.99 -27.00 12.25
N LYS B 199 21.84 -27.59 12.56
CA LYS B 199 21.79 -28.67 13.54
C LYS B 199 22.65 -29.86 13.11
N GLU B 202 19.45 -34.51 9.46
CA GLU B 202 18.88 -34.33 8.13
C GLU B 202 18.60 -32.85 7.83
N VAL B 203 19.60 -32.15 7.31
CA VAL B 203 19.45 -30.75 6.98
C VAL B 203 19.56 -30.56 5.48
N TYR B 204 19.10 -29.41 5.00
CA TYR B 204 19.11 -29.11 3.58
C TYR B 204 19.76 -27.77 3.29
N CYS B 205 20.02 -27.53 2.00
CA CYS B 205 20.64 -26.28 1.56
C CYS B 205 19.96 -25.74 0.31
N ILE B 206 20.23 -24.48 0.03
CA ILE B 206 19.71 -23.83 -1.16
C ILE B 206 20.97 -23.45 -1.92
N ASP B 207 21.11 -23.96 -3.14
CA ASP B 207 22.27 -23.62 -3.96
C ASP B 207 21.74 -22.73 -5.09
N ALA B 208 22.26 -21.52 -5.19
CA ALA B 208 21.81 -20.59 -6.22
C ALA B 208 22.80 -20.50 -7.38
N ARG B 209 23.78 -21.38 -7.40
CA ARG B 209 24.77 -21.36 -8.47
C ARG B 209 24.15 -21.56 -9.85
N PHE B 210 23.35 -22.61 -10.01
CA PHE B 210 22.73 -22.92 -11.30
C PHE B 210 21.34 -22.32 -11.48
N TYR B 211 20.54 -22.34 -10.42
CA TYR B 211 19.19 -21.77 -10.46
C TYR B 211 19.13 -20.80 -9.30
N GLY B 212 18.72 -19.56 -9.56
CA GLY B 212 18.61 -18.60 -8.48
C GLY B 212 17.92 -17.32 -8.91
N ASN B 213 17.63 -16.45 -7.94
CA ASN B 213 17.00 -15.17 -8.25
C ASN B 213 18.01 -14.07 -7.96
N VAL B 214 17.54 -12.84 -7.86
CA VAL B 214 18.43 -11.71 -7.62
C VAL B 214 19.34 -11.85 -6.39
N SER B 215 18.89 -12.59 -5.39
CA SER B 215 19.68 -12.75 -4.16
C SER B 215 21.04 -13.40 -4.35
N ARG B 216 21.21 -14.20 -5.39
CA ARG B 216 22.49 -14.86 -5.62
C ARG B 216 23.59 -13.84 -5.85
N PHE B 217 23.19 -12.61 -6.14
CA PHE B 217 24.15 -11.53 -6.41
C PHE B 217 24.42 -10.63 -5.21
N ILE B 218 23.74 -10.84 -4.10
CA ILE B 218 23.95 -9.99 -2.92
C ILE B 218 25.29 -10.29 -2.26
N ASN B 219 26.14 -9.28 -2.16
CA ASN B 219 27.45 -9.45 -1.56
C ASN B 219 27.43 -9.45 -0.03
N HIS B 220 28.51 -9.95 0.56
CA HIS B 220 28.66 -10.02 2.01
C HIS B 220 29.08 -8.67 2.57
N HIS B 221 28.57 -8.34 3.75
CA HIS B 221 28.92 -7.09 4.40
C HIS B 221 28.95 -7.32 5.92
N CYS B 222 30.06 -6.94 6.57
CA CYS B 222 30.20 -7.15 8.01
C CYS B 222 29.20 -6.35 8.85
N GLU B 223 28.68 -5.26 8.28
CA GLU B 223 27.68 -4.42 8.96
C GLU B 223 26.50 -4.35 7.97
N PRO B 224 25.89 -5.51 7.68
CA PRO B 224 24.77 -5.73 6.76
C PRO B 224 23.50 -4.92 6.97
N ASN B 225 22.92 -4.46 5.86
CA ASN B 225 21.67 -3.73 5.92
C ASN B 225 20.52 -4.72 5.70
N LEU B 226 20.86 -6.01 5.57
CA LEU B 226 19.86 -7.06 5.39
C LEU B 226 20.11 -8.21 6.36
N VAL B 227 19.04 -8.83 6.85
CA VAL B 227 19.16 -9.96 7.74
C VAL B 227 18.23 -11.07 7.27
N PRO B 228 18.74 -12.30 7.14
CA PRO B 228 17.92 -13.43 6.70
C PRO B 228 17.04 -13.97 7.82
N VAL B 229 15.78 -14.25 7.49
CA VAL B 229 14.82 -14.79 8.45
C VAL B 229 14.18 -16.05 7.85
N ARG B 230 14.06 -17.10 8.65
CA ARG B 230 13.44 -18.34 8.19
C ARG B 230 11.94 -18.19 8.28
N VAL B 231 11.26 -18.37 7.15
CA VAL B 231 9.82 -18.22 7.09
C VAL B 231 9.11 -19.43 6.49
N PHE B 232 7.90 -19.68 6.99
CA PHE B 232 7.08 -20.79 6.53
C PHE B 232 5.78 -20.17 6.05
N MET B 233 5.28 -20.67 4.93
CA MET B 233 4.06 -20.15 4.38
C MET B 233 3.10 -21.25 3.98
N ALA B 234 3.17 -21.67 2.72
CA ALA B 234 2.27 -22.71 2.22
C ALA B 234 2.46 -24.08 2.88
N HIS B 235 3.65 -24.33 3.42
CA HIS B 235 3.90 -25.61 4.10
C HIS B 235 4.69 -25.30 5.36
N GLN B 236 4.69 -26.23 6.32
CA GLN B 236 5.41 -26.02 7.56
C GLN B 236 6.36 -27.18 7.85
N ASP B 237 6.99 -27.69 6.80
CA ASP B 237 7.96 -28.77 6.94
C ASP B 237 9.23 -28.06 7.44
N LEU B 238 9.53 -28.21 8.72
CA LEU B 238 10.69 -27.55 9.34
C LEU B 238 12.04 -27.79 8.67
N ARG B 239 12.13 -28.81 7.83
CA ARG B 239 13.39 -29.08 7.14
C ARG B 239 13.58 -28.10 5.98
N PHE B 240 12.50 -27.44 5.59
CA PHE B 240 12.58 -26.53 4.45
C PHE B 240 12.14 -25.08 4.66
N PRO B 241 12.79 -24.36 5.58
CA PRO B 241 12.38 -22.97 5.76
C PRO B 241 12.74 -22.19 4.51
N ARG B 242 12.06 -21.07 4.27
CA ARG B 242 12.37 -20.23 3.13
C ARG B 242 13.10 -19.02 3.71
N ILE B 243 14.13 -18.55 3.02
CA ILE B 243 14.96 -17.45 3.50
C ILE B 243 14.56 -16.07 3.00
N ALA B 244 14.01 -15.26 3.90
CA ALA B 244 13.58 -13.90 3.56
C ALA B 244 14.56 -12.86 4.09
N PHE B 245 14.89 -11.88 3.26
CA PHE B 245 15.80 -10.81 3.68
C PHE B 245 15.01 -9.56 4.07
N PHE B 246 15.23 -9.09 5.29
CA PHE B 246 14.57 -7.89 5.79
C PHE B 246 15.62 -6.81 6.05
N SER B 247 15.25 -5.54 5.84
CA SER B 247 16.20 -4.45 6.06
C SER B 247 16.40 -4.26 7.56
N THR B 248 17.65 -4.12 7.99
CA THR B 248 17.97 -3.93 9.39
C THR B 248 18.05 -2.47 9.75
N ARG B 249 17.76 -1.61 8.77
CA ARG B 249 17.80 -0.17 8.97
C ARG B 249 17.37 0.47 7.66
N LEU B 250 17.46 1.79 7.61
CA LEU B 250 17.10 2.51 6.39
C LEU B 250 18.13 2.22 5.32
N ILE B 251 17.66 1.98 4.11
CA ILE B 251 18.54 1.73 3.00
C ILE B 251 18.15 2.82 2.01
N GLU B 252 19.07 3.73 1.72
CA GLU B 252 18.79 4.82 0.80
C GLU B 252 18.96 4.42 -0.66
N ALA B 253 18.28 5.15 -1.54
CA ALA B 253 18.36 4.88 -2.96
C ALA B 253 19.82 4.83 -3.39
N GLY B 254 20.17 3.83 -4.20
CA GLY B 254 21.53 3.70 -4.67
C GLY B 254 22.46 2.92 -3.77
N GLU B 255 22.01 2.59 -2.57
CA GLU B 255 22.85 1.86 -1.62
C GLU B 255 22.89 0.37 -1.97
N GLN B 256 24.07 -0.23 -1.84
CA GLN B 256 24.22 -1.65 -2.13
C GLN B 256 23.66 -2.51 -1.00
N LEU B 257 23.00 -3.60 -1.37
CA LEU B 257 22.42 -4.52 -0.39
C LEU B 257 23.51 -5.48 0.04
N GLY B 258 23.47 -5.90 1.29
CA GLY B 258 24.45 -6.85 1.78
C GLY B 258 23.97 -7.55 3.03
N PHE B 259 24.43 -8.77 3.22
CA PHE B 259 24.08 -9.51 4.42
C PHE B 259 25.32 -10.23 4.87
N ASP B 260 25.37 -10.61 6.15
CA ASP B 260 26.54 -11.28 6.72
C ASP B 260 26.57 -12.76 6.37
N TYR B 261 27.51 -13.16 5.51
CA TYR B 261 27.62 -14.57 5.12
C TYR B 261 27.83 -15.51 6.31
N GLY B 262 28.43 -14.99 7.38
CA GLY B 262 28.64 -15.82 8.56
C GLY B 262 29.92 -16.62 8.64
N GLU B 263 30.05 -17.36 9.74
CA GLU B 263 31.23 -18.17 10.03
C GLU B 263 31.60 -19.29 9.06
N ARG B 264 30.65 -20.12 8.66
CA ARG B 264 30.98 -21.22 7.75
C ARG B 264 31.61 -20.76 6.44
N PHE B 265 31.04 -19.72 5.84
CA PHE B 265 31.56 -19.19 4.59
C PHE B 265 32.99 -18.71 4.76
N TRP B 266 33.18 -17.78 5.69
CA TRP B 266 34.48 -17.21 5.94
C TRP B 266 35.55 -18.16 6.46
N ASP B 267 35.16 -19.18 7.21
CA ASP B 267 36.13 -20.14 7.69
C ASP B 267 36.68 -20.90 6.50
N ILE B 268 35.88 -20.96 5.44
CA ILE B 268 36.27 -21.65 4.22
C ILE B 268 36.96 -20.73 3.21
N LYS B 269 36.31 -19.61 2.91
CA LYS B 269 36.85 -18.66 1.93
C LYS B 269 37.86 -17.69 2.51
N GLY B 270 37.94 -17.63 3.84
CA GLY B 270 38.89 -16.72 4.45
C GLY B 270 40.31 -17.20 4.23
N LYS B 271 40.43 -18.46 3.81
CA LYS B 271 41.73 -19.06 3.56
C LYS B 271 42.16 -18.89 2.11
N LEU B 272 41.33 -18.23 1.33
CA LEU B 272 41.62 -17.98 -0.08
C LEU B 272 41.67 -16.50 -0.36
N PHE B 273 40.96 -15.71 0.44
CA PHE B 273 40.93 -14.27 0.27
C PHE B 273 40.32 -13.57 1.48
N SER B 274 40.41 -12.25 1.50
CA SER B 274 39.88 -11.47 2.62
C SER B 274 38.69 -10.62 2.19
N CYS B 275 37.85 -10.30 3.17
CA CYS B 275 36.66 -9.50 2.93
C CYS B 275 36.94 -8.13 2.33
N ARG B 276 36.05 -7.69 1.45
CA ARG B 276 36.20 -6.40 0.81
C ARG B 276 34.97 -5.50 0.97
N CYS B 277 34.23 -5.68 2.06
CA CYS B 277 33.04 -4.86 2.28
C CYS B 277 33.46 -3.42 2.56
N GLY B 278 34.71 -3.25 2.96
CA GLY B 278 35.23 -1.91 3.24
C GLY B 278 34.72 -1.27 4.51
N SER B 279 34.04 -2.05 5.35
CA SER B 279 33.50 -1.54 6.60
C SER B 279 34.58 -1.20 7.62
N PRO B 280 34.37 -0.12 8.38
CA PRO B 280 35.34 0.27 9.40
C PRO B 280 35.43 -0.84 10.45
N LYS B 281 34.37 -1.64 10.52
CA LYS B 281 34.30 -2.73 11.48
C LYS B 281 34.40 -4.11 10.81
N CYS B 282 35.01 -4.15 9.64
CA CYS B 282 35.17 -5.42 8.92
C CYS B 282 35.87 -6.45 9.82
N ARG B 283 35.26 -7.64 9.92
CA ARG B 283 35.79 -8.71 10.75
C ARG B 283 36.43 -9.85 9.96
N HIS B 284 36.66 -9.63 8.67
CA HIS B 284 37.26 -10.65 7.82
C HIS B 284 38.28 -10.05 6.85
N SER B 285 38.84 -8.90 7.22
CA SER B 285 39.82 -8.23 6.37
C SER B 285 41.22 -8.73 6.68
N VAL C 25 -15.40 7.68 -28.59
CA VAL C 25 -14.03 8.07 -28.14
C VAL C 25 -14.10 8.86 -26.84
N GLU C 26 -13.37 8.39 -25.82
CA GLU C 26 -13.37 9.08 -24.53
C GLU C 26 -12.24 10.10 -24.50
N ARG C 27 -12.61 11.38 -24.61
CA ARG C 27 -11.64 12.46 -24.61
C ARG C 27 -11.30 12.90 -23.19
N ILE C 28 -10.00 13.03 -22.91
CA ILE C 28 -9.54 13.46 -21.61
C ILE C 28 -9.57 14.98 -21.59
N VAL C 29 -10.56 15.55 -20.89
CA VAL C 29 -10.71 17.00 -20.82
C VAL C 29 -9.94 17.62 -19.65
N SER C 30 -9.20 16.78 -18.93
CA SER C 30 -8.37 17.22 -17.81
C SER C 30 -7.59 16.04 -17.27
N ARG C 31 -6.31 16.26 -16.99
CA ARG C 31 -5.46 15.21 -16.47
C ARG C 31 -5.62 15.10 -14.96
N ASP C 32 -6.02 16.20 -14.32
CA ASP C 32 -6.21 16.23 -12.87
C ASP C 32 -6.90 17.52 -12.41
N ILE C 33 -8.21 17.42 -12.15
CA ILE C 33 -8.96 18.58 -11.71
C ILE C 33 -8.48 19.12 -10.38
N ALA C 34 -7.67 18.34 -9.67
CA ALA C 34 -7.15 18.77 -8.36
C ALA C 34 -5.83 19.53 -8.46
N ARG C 35 -5.28 19.65 -9.68
CA ARG C 35 -4.03 20.37 -9.88
C ARG C 35 -2.92 19.89 -8.95
N GLY C 36 -2.86 18.58 -8.73
CA GLY C 36 -1.81 18.02 -7.88
C GLY C 36 -2.03 18.06 -6.37
N TYR C 37 -3.15 18.60 -5.91
CA TYR C 37 -3.38 18.66 -4.47
C TYR C 37 -3.73 17.32 -3.82
N GLU C 38 -4.24 16.37 -4.59
CA GLU C 38 -4.58 15.06 -4.04
C GLU C 38 -3.37 14.12 -4.14
N ARG C 39 -3.40 13.02 -3.38
CA ARG C 39 -2.30 12.05 -3.42
C ARG C 39 -2.29 11.36 -4.78
N ILE C 40 -3.44 11.38 -5.44
CA ILE C 40 -3.61 10.78 -6.75
C ILE C 40 -4.36 11.76 -7.63
N PRO C 41 -4.05 11.80 -8.94
CA PRO C 41 -4.79 12.74 -9.79
C PRO C 41 -6.21 12.27 -10.01
N ILE C 42 -7.10 13.21 -10.27
CA ILE C 42 -8.50 12.89 -10.53
C ILE C 42 -8.80 13.42 -11.92
N PRO C 43 -8.55 12.62 -12.95
CA PRO C 43 -8.78 13.00 -14.34
C PRO C 43 -10.24 13.28 -14.60
N CYS C 44 -10.50 13.94 -15.72
CA CYS C 44 -11.86 14.25 -16.14
C CYS C 44 -11.97 13.82 -17.58
N VAL C 45 -12.87 12.89 -17.86
CA VAL C 45 -13.06 12.41 -19.21
C VAL C 45 -14.49 12.65 -19.67
N ASN C 46 -14.72 12.49 -20.96
CA ASN C 46 -16.04 12.69 -21.53
C ASN C 46 -16.17 11.83 -22.77
N ALA C 47 -17.11 10.89 -22.74
CA ALA C 47 -17.34 10.01 -23.88
C ALA C 47 -18.80 10.15 -24.31
N VAL C 48 -19.41 11.26 -23.96
CA VAL C 48 -20.80 11.53 -24.31
C VAL C 48 -20.87 12.64 -25.35
N ASP C 49 -20.47 13.85 -24.97
CA ASP C 49 -20.48 14.97 -25.91
C ASP C 49 -19.20 15.80 -25.91
N SER C 50 -19.32 17.05 -26.32
CA SER C 50 -18.17 17.96 -26.43
C SER C 50 -17.83 18.73 -25.16
N GLU C 51 -18.67 18.62 -24.13
CA GLU C 51 -18.44 19.33 -22.89
C GLU C 51 -17.05 19.18 -22.32
N PRO C 52 -16.42 20.30 -21.94
CA PRO C 52 -15.08 20.28 -21.36
C PRO C 52 -15.21 20.11 -19.85
N CYS C 53 -14.09 20.01 -19.15
CA CYS C 53 -14.11 19.86 -17.70
C CYS C 53 -14.82 21.06 -17.05
N PRO C 54 -15.67 20.79 -16.04
CA PRO C 54 -16.39 21.87 -15.35
C PRO C 54 -15.40 22.83 -14.70
N SER C 55 -15.67 24.13 -14.79
CA SER C 55 -14.74 25.10 -14.22
C SER C 55 -15.39 26.31 -13.59
N ASN C 56 -16.67 26.23 -13.27
CA ASN C 56 -17.35 27.36 -12.66
C ASN C 56 -17.29 27.29 -11.13
N TYR C 57 -16.18 26.78 -10.61
CA TYR C 57 -15.98 26.65 -9.16
C TYR C 57 -14.48 26.54 -8.90
N LYS C 58 -14.10 26.65 -7.63
CA LYS C 58 -12.69 26.54 -7.25
C LYS C 58 -12.42 25.25 -6.51
N TYR C 59 -11.56 24.40 -7.05
CA TYR C 59 -11.24 23.14 -6.39
C TYR C 59 -10.32 23.33 -5.19
N VAL C 60 -10.76 22.82 -4.04
CA VAL C 60 -9.98 22.88 -2.82
C VAL C 60 -10.03 21.46 -2.27
N SER C 61 -8.90 20.99 -1.73
CA SER C 61 -8.82 19.64 -1.18
C SER C 61 -9.26 19.57 0.28
N GLN C 62 -9.27 20.71 0.97
CA GLN C 62 -9.68 20.78 2.36
C GLN C 62 -10.70 21.91 2.52
N ASN C 63 -11.60 21.78 3.50
CA ASN C 63 -12.61 22.81 3.73
C ASN C 63 -11.99 24.18 3.92
N CYS C 64 -12.73 25.21 3.53
CA CYS C 64 -12.28 26.58 3.67
C CYS C 64 -13.43 27.40 4.22
N VAL C 65 -13.15 28.63 4.63
CA VAL C 65 -14.18 29.52 5.13
C VAL C 65 -14.00 30.85 4.42
N THR C 66 -15.09 31.60 4.32
CA THR C 66 -15.06 32.90 3.68
C THR C 66 -15.47 33.93 4.73
N SER C 67 -15.14 33.63 5.98
CA SER C 67 -15.46 34.50 7.09
C SER C 67 -14.74 33.99 8.34
N PRO C 68 -14.78 34.77 9.43
CA PRO C 68 -14.10 34.28 10.63
C PRO C 68 -14.93 33.11 11.14
N MET C 69 -14.28 32.01 11.50
CA MET C 69 -14.99 30.86 12.03
C MET C 69 -14.29 30.44 13.30
N ASN C 70 -14.97 30.59 14.44
CA ASN C 70 -14.39 30.27 15.75
C ASN C 70 -14.29 28.79 16.08
N ILE C 71 -13.72 28.00 15.17
CA ILE C 71 -13.56 26.57 15.43
C ILE C 71 -12.61 26.43 16.61
N ASP C 72 -13.01 25.65 17.61
CA ASP C 72 -12.17 25.45 18.78
C ASP C 72 -10.91 24.67 18.42
N ARG C 73 -9.76 25.32 18.50
CA ARG C 73 -8.51 24.64 18.19
C ARG C 73 -7.54 24.67 19.36
N ASN C 74 -8.06 24.85 20.56
CA ASN C 74 -7.22 24.88 21.74
C ASN C 74 -6.77 23.43 21.97
N ILE C 75 -5.49 23.15 21.74
CA ILE C 75 -4.96 21.80 21.90
C ILE C 75 -5.23 21.16 23.26
N THR C 76 -5.48 21.98 24.29
CA THR C 76 -5.76 21.42 25.61
C THR C 76 -7.22 20.96 25.74
N HIS C 77 -8.06 21.28 24.75
CA HIS C 77 -9.46 20.86 24.81
C HIS C 77 -9.64 19.51 24.13
N LEU C 78 -8.59 19.01 23.50
CA LEU C 78 -8.64 17.73 22.81
C LEU C 78 -8.63 16.52 23.72
N GLN C 79 -9.50 15.54 23.44
CA GLN C 79 -9.48 14.30 24.19
C GLN C 79 -8.44 13.52 23.39
N TYR C 80 -7.62 12.73 24.06
CA TYR C 80 -6.58 11.98 23.37
C TYR C 80 -6.25 10.68 24.10
N CYS C 81 -5.50 9.80 23.44
CA CYS C 81 -5.14 8.52 24.06
C CYS C 81 -3.67 8.49 24.45
N VAL C 82 -3.30 7.52 25.27
CA VAL C 82 -1.91 7.39 25.71
C VAL C 82 -1.41 5.97 25.45
N CYS C 83 -1.97 5.35 24.42
CA CYS C 83 -1.60 3.99 24.06
C CYS C 83 -0.12 3.86 23.75
N ILE C 84 0.45 2.72 24.08
CA ILE C 84 1.85 2.45 23.81
C ILE C 84 1.95 1.44 22.68
N ASP C 85 0.80 0.94 22.25
CA ASP C 85 0.73 -0.03 21.15
C ASP C 85 0.37 0.73 19.88
N ASP C 86 -0.42 0.08 19.02
CA ASP C 86 -0.85 0.71 17.77
C ASP C 86 -2.33 1.07 17.89
N CYS C 87 -2.78 1.30 19.11
CA CYS C 87 -4.17 1.65 19.40
C CYS C 87 -5.13 0.57 18.94
N SER C 88 -4.87 -0.65 19.37
CA SER C 88 -5.74 -1.75 19.01
C SER C 88 -6.49 -2.27 20.25
N SER C 89 -6.11 -1.77 21.42
CA SER C 89 -6.76 -2.20 22.66
C SER C 89 -7.99 -1.36 22.99
N SER C 90 -8.78 -1.83 23.94
CA SER C 90 -9.99 -1.15 24.34
C SER C 90 -9.71 -0.02 25.32
N ASN C 91 -8.44 0.19 25.63
CA ASN C 91 -8.06 1.26 26.56
C ASN C 91 -7.87 2.58 25.80
N CYS C 92 -7.83 2.50 24.47
CA CYS C 92 -7.65 3.69 23.65
C CYS C 92 -8.87 4.60 23.79
N MET C 93 -8.68 5.74 24.46
CA MET C 93 -9.74 6.70 24.66
C MET C 93 -10.42 7.08 23.34
N CYS C 94 -9.62 7.24 22.30
CA CYS C 94 -10.14 7.62 20.99
C CYS C 94 -11.06 6.55 20.43
N GLY C 95 -10.72 5.29 20.68
CA GLY C 95 -11.56 4.20 20.21
C GLY C 95 -12.84 4.20 21.02
N GLN C 96 -12.70 4.48 22.31
CA GLN C 96 -13.85 4.53 23.21
C GLN C 96 -14.83 5.61 22.79
N LEU C 97 -14.31 6.78 22.44
CA LEU C 97 -15.15 7.88 22.00
C LEU C 97 -15.89 7.53 20.72
N SER C 98 -15.33 6.60 19.94
CA SER C 98 -15.95 6.18 18.70
C SER C 98 -16.82 4.95 18.94
N MET C 99 -16.87 4.53 20.20
CA MET C 99 -17.60 3.34 20.67
C MET C 99 -16.54 2.24 20.67
N ARG C 100 -15.81 2.18 19.57
CA ARG C 100 -14.70 1.25 19.38
C ARG C 100 -14.01 1.67 18.08
N CYS C 101 -12.74 1.34 17.93
CA CYS C 101 -12.06 1.68 16.68
C CYS C 101 -12.62 0.73 15.63
N TRP C 102 -13.25 1.29 14.59
CA TRP C 102 -13.87 0.48 13.54
C TRP C 102 -12.97 0.14 12.36
N TYR C 103 -11.69 0.48 12.46
CA TYR C 103 -10.77 0.24 11.35
C TYR C 103 -9.94 -1.04 11.44
N ASP C 104 -9.88 -1.77 10.34
CA ASP C 104 -9.05 -2.97 10.34
C ASP C 104 -7.64 -2.50 10.00
N LYS C 105 -6.71 -3.42 9.80
CA LYS C 105 -5.32 -3.04 9.53
C LYS C 105 -5.11 -2.25 8.24
N ASP C 106 -5.98 -2.43 7.25
CA ASP C 106 -5.85 -1.69 5.99
C ASP C 106 -6.61 -0.37 6.05
N GLY C 107 -7.25 -0.10 7.18
CA GLY C 107 -8.00 1.13 7.34
C GLY C 107 -9.44 1.06 6.88
N ARG C 108 -9.96 -0.14 6.70
CA ARG C 108 -11.34 -0.31 6.27
C ARG C 108 -12.28 -0.58 7.44
N LEU C 109 -13.54 -0.16 7.30
CA LEU C 109 -14.52 -0.35 8.35
C LEU C 109 -14.86 -1.83 8.55
N LEU C 110 -15.01 -2.23 9.80
CA LEU C 110 -15.37 -3.61 10.13
C LEU C 110 -16.73 -3.96 9.55
N PRO C 111 -16.93 -5.25 9.21
CA PRO C 111 -18.19 -5.73 8.64
C PRO C 111 -19.40 -5.38 9.50
N GLU C 112 -19.19 -5.28 10.81
CA GLU C 112 -20.27 -4.96 11.73
C GLU C 112 -20.56 -3.46 11.91
N PHE C 113 -19.91 -2.61 11.12
CA PHE C 113 -20.14 -1.17 11.22
C PHE C 113 -21.58 -0.87 10.83
N ASN C 114 -22.27 -0.07 11.66
CA ASN C 114 -23.66 0.26 11.35
C ASN C 114 -23.74 1.30 10.23
N MET C 115 -23.93 0.80 9.01
CA MET C 115 -24.01 1.64 7.82
C MET C 115 -25.29 2.47 7.78
N ALA C 116 -26.34 1.97 8.43
CA ALA C 116 -27.63 2.66 8.44
C ALA C 116 -27.68 3.83 9.43
N GLU C 117 -26.90 3.74 10.50
CA GLU C 117 -26.83 4.78 11.51
C GLU C 117 -25.39 4.83 11.99
N PRO C 118 -24.50 5.44 11.21
CA PRO C 118 -23.08 5.55 11.54
C PRO C 118 -22.81 6.33 12.83
N PRO C 119 -21.89 5.83 13.66
CA PRO C 119 -21.60 6.56 14.88
C PRO C 119 -20.63 7.66 14.46
N LEU C 120 -20.25 8.52 15.40
CA LEU C 120 -19.30 9.56 15.08
C LEU C 120 -17.97 8.85 15.25
N ILE C 121 -16.98 9.23 14.44
CA ILE C 121 -15.68 8.60 14.57
C ILE C 121 -14.62 9.60 15.01
N PHE C 122 -13.91 9.27 16.08
CA PHE C 122 -12.84 10.13 16.59
C PHE C 122 -11.51 9.44 16.29
N GLU C 123 -10.79 9.93 15.28
CA GLU C 123 -9.50 9.35 14.95
C GLU C 123 -8.49 9.96 15.92
N CYS C 124 -7.35 9.31 16.05
CA CYS C 124 -6.31 9.82 16.92
C CYS C 124 -5.80 11.12 16.32
N ASN C 125 -5.27 11.98 17.19
CA ASN C 125 -4.79 13.28 16.77
C ASN C 125 -3.36 13.53 17.27
N HIS C 126 -2.89 14.76 17.07
CA HIS C 126 -1.55 15.13 17.47
C HIS C 126 -1.32 15.22 18.98
N ALA C 127 -2.40 15.17 19.76
CA ALA C 127 -2.25 15.21 21.22
C ALA C 127 -2.04 13.80 21.75
N CYS C 128 -2.43 12.79 20.98
CA CYS C 128 -2.28 11.40 21.39
C CYS C 128 -0.81 11.01 21.51
N SER C 129 -0.54 9.98 22.30
CA SER C 129 0.81 9.48 22.52
C SER C 129 1.25 8.49 21.45
N CYS C 130 0.28 7.91 20.75
CA CYS C 130 0.54 6.94 19.71
C CYS C 130 1.35 7.50 18.56
N TRP C 131 1.71 6.63 17.62
CA TRP C 131 2.49 7.00 16.44
C TRP C 131 1.56 7.36 15.28
N ARG C 132 2.06 8.19 14.37
CA ARG C 132 1.30 8.65 13.21
C ARG C 132 0.74 7.51 12.36
N ASN C 133 1.26 6.31 12.55
CA ASN C 133 0.83 5.15 11.78
C ASN C 133 -0.05 4.20 12.59
N CYS C 134 -0.58 4.66 13.72
CA CYS C 134 -1.43 3.79 14.54
C CYS C 134 -2.66 3.37 13.74
N ARG C 135 -3.37 2.38 14.24
CA ARG C 135 -4.55 1.84 13.57
C ARG C 135 -5.71 2.83 13.40
N ASN C 136 -5.79 3.80 14.30
CA ASN C 136 -6.91 4.74 14.30
C ASN C 136 -6.69 6.04 13.52
N ARG C 137 -6.22 5.91 12.29
CA ARG C 137 -5.99 7.06 11.43
C ARG C 137 -6.21 6.63 9.99
N VAL C 138 -7.29 7.11 9.39
CA VAL C 138 -7.60 6.77 8.01
C VAL C 138 -7.96 8.01 7.21
N VAL C 139 -9.06 8.66 7.58
CA VAL C 139 -9.51 9.86 6.89
C VAL C 139 -8.42 10.93 6.84
N GLN C 140 -7.63 11.05 7.91
CA GLN C 140 -6.56 12.05 7.94
C GLN C 140 -5.41 11.71 6.99
N ASN C 141 -5.47 10.55 6.35
CA ASN C 141 -4.41 10.15 5.41
C ASN C 141 -4.77 10.48 3.96
N GLY C 142 -5.91 11.13 3.77
CA GLY C 142 -6.31 11.52 2.43
C GLY C 142 -6.80 10.48 1.44
N LEU C 143 -7.15 10.96 0.25
CA LEU C 143 -7.64 10.13 -0.85
C LEU C 143 -6.59 9.12 -1.29
N ARG C 144 -7.02 7.88 -1.46
CA ARG C 144 -6.12 6.80 -1.87
C ARG C 144 -6.71 6.09 -3.09
N ALA C 145 -8.00 6.27 -3.33
CA ALA C 145 -8.65 5.61 -4.46
C ALA C 145 -8.45 6.33 -5.78
N ARG C 146 -8.52 5.57 -6.87
CA ARG C 146 -8.37 6.11 -8.22
C ARG C 146 -9.76 6.52 -8.71
N LEU C 147 -10.06 7.81 -8.64
CA LEU C 147 -11.37 8.30 -9.07
C LEU C 147 -11.26 9.04 -10.39
N GLN C 148 -12.41 9.28 -11.01
CA GLN C 148 -12.47 9.98 -12.28
C GLN C 148 -13.79 10.71 -12.50
N LEU C 149 -13.71 11.99 -12.85
CA LEU C 149 -14.89 12.79 -13.12
C LEU C 149 -15.24 12.46 -14.56
N TYR C 150 -16.52 12.17 -14.83
CA TYR C 150 -16.92 11.83 -16.18
C TYR C 150 -18.32 12.37 -16.48
N ARG C 151 -18.65 12.44 -17.76
CA ARG C 151 -19.95 12.95 -18.19
C ARG C 151 -20.95 11.80 -18.29
N THR C 152 -22.08 11.93 -17.60
CA THR C 152 -23.11 10.90 -17.64
C THR C 152 -24.08 11.21 -18.77
N ARG C 153 -24.89 10.22 -19.14
CA ARG C 153 -25.85 10.37 -20.22
C ARG C 153 -27.05 11.28 -19.89
N ASP C 154 -27.49 11.27 -18.64
CA ASP C 154 -28.63 12.10 -18.26
C ASP C 154 -28.63 12.61 -16.82
N MET C 155 -27.44 12.70 -16.22
CA MET C 155 -27.30 13.20 -14.86
C MET C 155 -26.18 14.23 -14.76
N GLY C 156 -25.87 14.87 -15.88
CA GLY C 156 -24.81 15.86 -15.88
C GLY C 156 -23.49 15.15 -15.61
N TRP C 157 -22.66 15.70 -14.73
CA TRP C 157 -21.40 15.07 -14.41
C TRP C 157 -21.52 14.13 -13.22
N GLY C 158 -20.65 13.14 -13.16
CA GLY C 158 -20.65 12.19 -12.06
C GLY C 158 -19.24 11.73 -11.79
N VAL C 159 -19.08 10.93 -10.74
CA VAL C 159 -17.76 10.44 -10.38
C VAL C 159 -17.77 8.92 -10.35
N ARG C 160 -16.68 8.30 -10.79
CA ARG C 160 -16.63 6.84 -10.76
C ARG C 160 -15.24 6.38 -10.37
N SER C 161 -15.15 5.11 -9.98
CA SER C 161 -13.86 4.56 -9.60
C SER C 161 -13.25 3.89 -10.82
N LEU C 162 -11.92 3.94 -10.91
CA LEU C 162 -11.21 3.32 -12.02
C LEU C 162 -10.64 2.00 -11.52
N GLN C 163 -10.98 1.66 -10.28
CA GLN C 163 -10.51 0.43 -9.65
C GLN C 163 -11.57 -0.16 -8.74
N ASP C 164 -11.39 -1.40 -8.34
CA ASP C 164 -12.31 -2.06 -7.43
C ASP C 164 -12.07 -1.49 -6.04
N ILE C 165 -13.13 -1.04 -5.40
CA ILE C 165 -13.02 -0.48 -4.06
C ILE C 165 -13.75 -1.41 -3.11
N PRO C 166 -13.01 -2.09 -2.22
CA PRO C 166 -13.57 -3.03 -1.25
C PRO C 166 -14.57 -2.33 -0.31
N PRO C 167 -15.46 -3.10 0.32
CA PRO C 167 -16.46 -2.55 1.25
C PRO C 167 -15.78 -1.89 2.46
N GLY C 168 -16.37 -0.82 2.97
CA GLY C 168 -15.82 -0.14 4.14
C GLY C 168 -14.57 0.68 3.92
N THR C 169 -14.32 1.06 2.67
CA THR C 169 -13.14 1.86 2.34
C THR C 169 -13.45 3.34 2.30
N PHE C 170 -12.56 4.15 2.87
CA PHE C 170 -12.72 5.61 2.83
C PHE C 170 -12.50 6.03 1.37
N VAL C 171 -13.50 6.64 0.74
CA VAL C 171 -13.36 7.05 -0.65
C VAL C 171 -12.94 8.50 -0.82
N CYS C 172 -13.69 9.42 -0.24
CA CYS C 172 -13.38 10.84 -0.32
C CYS C 172 -14.20 11.62 0.71
N GLU C 173 -13.76 12.82 1.03
CA GLU C 173 -14.44 13.67 1.99
C GLU C 173 -15.33 14.66 1.23
N TYR C 174 -16.45 15.07 1.83
CA TYR C 174 -17.30 16.06 1.17
C TYR C 174 -16.68 17.40 1.61
N VAL C 175 -15.93 18.02 0.70
CA VAL C 175 -15.23 19.27 1.00
C VAL C 175 -15.87 20.48 0.36
N GLY C 176 -15.82 21.61 1.07
CA GLY C 176 -16.37 22.83 0.55
C GLY C 176 -16.20 24.05 1.44
N GLU C 177 -17.11 24.99 1.26
CA GLU C 177 -17.12 26.24 2.02
C GLU C 177 -17.94 26.02 3.28
N LEU C 178 -17.29 26.15 4.44
CA LEU C 178 -17.96 25.97 5.72
C LEU C 178 -18.72 27.27 6.03
N ILE C 179 -20.03 27.18 6.18
CA ILE C 179 -20.85 28.36 6.45
C ILE C 179 -21.92 28.11 7.50
N SER C 180 -22.47 29.20 8.05
CA SER C 180 -23.50 29.08 9.07
C SER C 180 -24.84 28.80 8.42
N ASP C 181 -25.78 28.35 9.22
CA ASP C 181 -27.12 28.04 8.76
C ASP C 181 -27.75 29.25 8.08
N SER C 182 -27.58 30.43 8.67
CA SER C 182 -28.15 31.66 8.13
C SER C 182 -27.55 32.05 6.79
N GLU C 183 -26.26 31.76 6.59
CA GLU C 183 -25.64 32.08 5.33
C GLU C 183 -26.16 31.11 4.28
N ALA C 184 -26.31 29.86 4.69
CA ALA C 184 -26.81 28.85 3.77
C ALA C 184 -28.23 29.21 3.34
N ASP C 185 -28.99 29.73 4.30
CA ASP C 185 -30.37 30.11 4.07
C ASP C 185 -30.59 31.24 3.06
N VAL C 186 -29.51 31.93 2.66
CA VAL C 186 -29.65 33.00 1.68
C VAL C 186 -28.83 32.70 0.43
N ARG C 187 -28.43 31.44 0.30
CA ARG C 187 -27.66 31.01 -0.87
C ARG C 187 -28.65 30.65 -1.98
N GLU C 188 -28.49 31.26 -3.14
CA GLU C 188 -29.39 31.01 -4.26
C GLU C 188 -29.37 29.53 -4.66
N GLU C 189 -28.21 29.06 -5.11
CA GLU C 189 -28.06 27.67 -5.51
C GLU C 189 -27.83 26.81 -4.28
N ASP C 190 -28.74 25.87 -4.02
CA ASP C 190 -28.62 25.04 -2.84
C ASP C 190 -28.40 23.56 -3.10
N SER C 191 -28.11 23.19 -4.34
CA SER C 191 -27.93 21.77 -4.65
C SER C 191 -26.54 21.23 -4.29
N TYR C 192 -25.66 22.09 -3.79
CA TYR C 192 -24.33 21.65 -3.41
C TYR C 192 -24.12 21.81 -1.90
N LEU C 193 -25.21 21.87 -1.16
CA LEU C 193 -25.15 22.02 0.28
C LEU C 193 -25.14 20.67 0.98
N PHE C 194 -24.62 20.66 2.20
CA PHE C 194 -24.59 19.45 3.01
C PHE C 194 -24.73 19.95 4.42
N ASP C 195 -25.82 19.54 5.09
CA ASP C 195 -26.07 19.97 6.45
C ASP C 195 -25.20 19.20 7.44
N LEU C 196 -24.50 19.92 8.30
CA LEU C 196 -23.66 19.28 9.32
C LEU C 196 -24.55 18.92 10.49
N ASP C 197 -25.45 19.83 10.84
CA ASP C 197 -26.40 19.66 11.93
C ASP C 197 -25.94 18.69 13.02
N GLY C 201 -30.33 24.14 16.53
CA GLY C 201 -29.79 25.32 17.21
C GLY C 201 -28.77 26.04 16.32
N GLU C 202 -27.52 26.07 16.80
CA GLU C 202 -26.43 26.70 16.06
C GLU C 202 -25.85 25.66 15.11
N VAL C 203 -26.40 25.56 13.91
CA VAL C 203 -25.92 24.57 12.95
C VAL C 203 -25.15 25.18 11.77
N TYR C 204 -24.36 24.35 11.10
CA TYR C 204 -23.56 24.81 9.98
C TYR C 204 -23.73 23.90 8.77
N CYS C 205 -23.29 24.41 7.62
CA CYS C 205 -23.38 23.67 6.37
C CYS C 205 -22.08 23.77 5.61
N ILE C 206 -21.91 22.85 4.67
CA ILE C 206 -20.75 22.86 3.79
C ILE C 206 -21.36 23.13 2.42
N ASP C 207 -20.99 24.25 1.81
CA ASP C 207 -21.50 24.57 0.48
C ASP C 207 -20.35 24.29 -0.48
N ALA C 208 -20.54 23.35 -1.39
CA ALA C 208 -19.51 23.02 -2.36
C ALA C 208 -19.75 23.72 -3.68
N ARG C 209 -20.65 24.70 -3.69
CA ARG C 209 -20.95 25.40 -4.94
C ARG C 209 -19.77 26.21 -5.51
N PHE C 210 -19.21 27.10 -4.70
CA PHE C 210 -18.10 27.95 -5.15
C PHE C 210 -16.74 27.33 -4.90
N TYR C 211 -16.63 26.60 -3.79
CA TYR C 211 -15.38 25.91 -3.44
C TYR C 211 -15.78 24.49 -3.10
N GLY C 212 -15.10 23.52 -3.71
CA GLY C 212 -15.41 22.14 -3.43
C GLY C 212 -14.34 21.23 -3.98
N ASN C 213 -14.46 19.95 -3.67
CA ASN C 213 -13.50 18.98 -4.18
C ASN C 213 -14.29 18.03 -5.07
N VAL C 214 -13.75 16.85 -5.36
CA VAL C 214 -14.42 15.92 -6.25
C VAL C 214 -15.83 15.52 -5.81
N SER C 215 -16.08 15.54 -4.50
CA SER C 215 -17.39 15.15 -3.97
C SER C 215 -18.58 15.95 -4.45
N ARG C 216 -18.36 17.20 -4.84
CA ARG C 216 -19.47 18.03 -5.30
C ARG C 216 -20.12 17.42 -6.54
N PHE C 217 -19.42 16.50 -7.19
CA PHE C 217 -19.96 15.86 -8.39
C PHE C 217 -20.61 14.50 -8.18
N ILE C 218 -20.61 14.00 -6.95
CA ILE C 218 -21.22 12.71 -6.69
C ILE C 218 -22.73 12.80 -6.72
N ASN C 219 -23.35 12.01 -7.58
CA ASN C 219 -24.80 12.00 -7.74
C ASN C 219 -25.53 11.19 -6.69
N HIS C 220 -26.85 11.44 -6.61
CA HIS C 220 -27.71 10.74 -5.67
C HIS C 220 -28.10 9.38 -6.19
N HIS C 221 -28.28 8.43 -5.28
CA HIS C 221 -28.71 7.09 -5.63
C HIS C 221 -29.51 6.56 -4.45
N CYS C 222 -30.66 5.94 -4.73
CA CYS C 222 -31.52 5.42 -3.69
C CYS C 222 -31.00 4.15 -2.98
N GLU C 223 -30.01 3.50 -3.58
CA GLU C 223 -29.38 2.31 -2.98
C GLU C 223 -27.88 2.59 -3.14
N PRO C 224 -27.38 3.57 -2.39
CA PRO C 224 -25.99 4.06 -2.36
C PRO C 224 -24.84 3.12 -2.05
N ASN C 225 -23.75 3.29 -2.80
CA ASN C 225 -22.54 2.49 -2.59
C ASN C 225 -21.61 3.29 -1.69
N LEU C 226 -22.10 4.45 -1.25
CA LEU C 226 -21.36 5.31 -0.33
C LEU C 226 -22.28 5.81 0.77
N VAL C 227 -21.73 6.00 1.96
CA VAL C 227 -22.48 6.51 3.09
C VAL C 227 -21.60 7.53 3.81
N PRO C 228 -22.15 8.72 4.11
CA PRO C 228 -21.36 9.73 4.80
C PRO C 228 -21.20 9.43 6.28
N VAL C 229 -20.00 9.64 6.81
CA VAL C 229 -19.72 9.41 8.21
C VAL C 229 -19.07 10.66 8.80
N ARG C 230 -19.51 11.05 10.00
CA ARG C 230 -18.97 12.21 10.66
C ARG C 230 -17.67 11.82 11.34
N VAL C 231 -16.62 12.60 11.11
CA VAL C 231 -15.33 12.30 11.67
C VAL C 231 -14.64 13.52 12.28
N PHE C 232 -13.91 13.28 13.36
CA PHE C 232 -13.18 14.36 14.01
C PHE C 232 -11.72 13.94 14.01
N MET C 233 -10.85 14.86 13.66
CA MET C 233 -9.43 14.56 13.61
C MET C 233 -8.61 15.60 14.37
N ALA C 234 -8.16 16.65 13.68
CA ALA C 234 -7.34 17.69 14.32
C ALA C 234 -8.04 18.46 15.43
N HIS C 235 -9.36 18.59 15.35
CA HIS C 235 -10.11 19.30 16.39
C HIS C 235 -11.34 18.49 16.74
N GLN C 236 -11.94 18.77 17.89
CA GLN C 236 -13.13 18.02 18.28
C GLN C 236 -14.30 18.96 18.58
N ASP C 237 -14.39 20.03 17.80
CA ASP C 237 -15.46 21.00 17.92
C ASP C 237 -16.65 20.31 17.26
N LEU C 238 -17.57 19.82 18.08
CA LEU C 238 -18.73 19.07 17.60
C LEU C 238 -19.65 19.76 16.60
N ARG C 239 -19.52 21.08 16.47
CA ARG C 239 -20.35 21.82 15.52
C ARG C 239 -19.82 21.60 14.11
N PHE C 240 -18.55 21.19 14.01
CA PHE C 240 -17.93 21.04 12.71
C PHE C 240 -17.39 19.65 12.35
N PRO C 241 -18.27 18.66 12.20
CA PRO C 241 -17.75 17.34 11.84
C PRO C 241 -17.32 17.38 10.38
N ARG C 242 -16.36 16.55 10.00
CA ARG C 242 -15.94 16.50 8.61
C ARG C 242 -16.68 15.29 8.06
N ILE C 243 -17.17 15.41 6.83
CA ILE C 243 -17.95 14.33 6.22
C ILE C 243 -17.12 13.40 5.36
N ALA C 244 -17.02 12.14 5.79
CA ALA C 244 -16.24 11.16 5.06
C ALA C 244 -17.11 10.08 4.46
N PHE C 245 -16.95 9.85 3.16
CA PHE C 245 -17.73 8.83 2.47
C PHE C 245 -16.99 7.49 2.49
N PHE C 246 -17.69 6.45 2.90
CA PHE C 246 -17.15 5.11 2.95
C PHE C 246 -17.99 4.22 2.05
N SER C 247 -17.37 3.23 1.43
CA SER C 247 -18.11 2.32 0.55
C SER C 247 -18.96 1.38 1.40
N THR C 248 -20.19 1.16 0.97
CA THR C 248 -21.11 0.28 1.68
C THR C 248 -21.06 -1.14 1.13
N ARG C 249 -20.26 -1.35 0.10
CA ARG C 249 -20.12 -2.66 -0.51
C ARG C 249 -19.02 -2.57 -1.57
N LEU C 250 -18.74 -3.70 -2.22
CA LEU C 250 -17.73 -3.72 -3.26
C LEU C 250 -18.14 -2.80 -4.40
N ILE C 251 -17.27 -1.87 -4.77
CA ILE C 251 -17.55 -0.96 -5.86
C ILE C 251 -16.66 -1.37 -7.03
N GLU C 252 -17.30 -1.88 -8.07
CA GLU C 252 -16.59 -2.34 -9.25
C GLU C 252 -15.99 -1.21 -10.07
N ALA C 253 -14.76 -1.42 -10.53
CA ALA C 253 -14.07 -0.43 -11.33
C ALA C 253 -14.99 0.04 -12.46
N GLY C 254 -15.07 1.35 -12.66
CA GLY C 254 -15.93 1.89 -13.70
C GLY C 254 -17.32 2.25 -13.19
N GLU C 255 -17.67 1.73 -12.02
CA GLU C 255 -18.99 2.00 -11.44
C GLU C 255 -19.08 3.44 -10.91
N GLN C 256 -20.25 4.05 -11.09
CA GLN C 256 -20.46 5.41 -10.61
C GLN C 256 -20.68 5.43 -9.10
N LEU C 257 -20.10 6.42 -8.43
CA LEU C 257 -20.25 6.57 -6.98
C LEU C 257 -21.58 7.26 -6.70
N GLY C 258 -22.18 6.97 -5.56
CA GLY C 258 -23.44 7.60 -5.20
C GLY C 258 -23.78 7.49 -3.73
N PHE C 259 -24.43 8.51 -3.20
CA PHE C 259 -24.86 8.49 -1.79
C PHE C 259 -26.29 9.00 -1.74
N ASP C 260 -26.98 8.70 -0.64
CA ASP C 260 -28.38 9.13 -0.50
C ASP C 260 -28.48 10.57 -0.02
N TYR C 261 -28.91 11.47 -0.91
CA TYR C 261 -29.05 12.89 -0.59
C TYR C 261 -29.98 13.16 0.59
N GLY C 262 -30.93 12.27 0.82
CA GLY C 262 -31.84 12.47 1.94
C GLY C 262 -33.14 13.18 1.65
N GLU C 263 -33.99 13.24 2.66
CA GLU C 263 -35.31 13.86 2.56
C GLU C 263 -35.39 15.37 2.35
N ARG C 264 -34.51 16.15 2.98
CA ARG C 264 -34.58 17.60 2.78
C ARG C 264 -34.32 17.93 1.32
N PHE C 265 -33.32 17.30 0.73
CA PHE C 265 -32.99 17.54 -0.67
C PHE C 265 -34.19 17.26 -1.55
N TRP C 266 -34.75 16.06 -1.42
CA TRP C 266 -35.88 15.65 -2.24
C TRP C 266 -37.22 16.33 -1.96
N ASP C 267 -37.43 16.79 -0.73
CA ASP C 267 -38.69 17.48 -0.44
C ASP C 267 -38.65 18.78 -1.24
N ILE C 268 -37.44 19.30 -1.42
CA ILE C 268 -37.25 20.54 -2.15
C ILE C 268 -37.14 20.33 -3.66
N LYS C 269 -36.19 19.50 -4.08
CA LYS C 269 -35.99 19.25 -5.50
C LYS C 269 -37.00 18.32 -6.15
N GLY C 270 -37.59 17.43 -5.36
CA GLY C 270 -38.57 16.50 -5.90
C GLY C 270 -39.72 17.19 -6.60
N LYS C 271 -39.86 18.50 -6.38
CA LYS C 271 -40.92 19.28 -6.99
C LYS C 271 -40.48 19.88 -8.32
N LEU C 272 -39.23 19.65 -8.69
CA LEU C 272 -38.69 20.16 -9.94
C LEU C 272 -38.31 19.04 -10.89
N PHE C 273 -37.99 17.88 -10.33
CA PHE C 273 -37.60 16.73 -11.13
C PHE C 273 -37.57 15.48 -10.26
N SER C 274 -37.61 14.31 -10.89
CA SER C 274 -37.58 13.06 -10.15
C SER C 274 -36.23 12.38 -10.28
N CYS C 275 -35.95 11.48 -9.35
CA CYS C 275 -34.69 10.76 -9.35
C CYS C 275 -34.52 9.84 -10.56
N ARG C 276 -33.32 9.82 -11.10
CA ARG C 276 -33.03 8.98 -12.26
C ARG C 276 -31.91 7.99 -11.98
N CYS C 277 -31.71 7.65 -10.70
CA CYS C 277 -30.66 6.70 -10.34
C CYS C 277 -30.88 5.38 -11.04
N GLY C 278 -32.13 5.13 -11.44
CA GLY C 278 -32.47 3.90 -12.15
C GLY C 278 -32.49 2.64 -11.32
N SER C 279 -32.66 2.77 -10.01
CA SER C 279 -32.69 1.62 -9.12
C SER C 279 -34.09 1.02 -9.01
N PRO C 280 -34.18 -0.32 -8.96
CA PRO C 280 -35.46 -0.99 -8.85
C PRO C 280 -36.15 -0.58 -7.55
N LYS C 281 -35.37 -0.09 -6.61
CA LYS C 281 -35.87 0.35 -5.31
C LYS C 281 -35.84 1.88 -5.18
N CYS C 282 -35.86 2.56 -6.32
CA CYS C 282 -35.86 4.03 -6.31
C CYS C 282 -37.05 4.52 -5.50
N ARG C 283 -36.81 5.52 -4.65
CA ARG C 283 -37.84 6.07 -3.78
C ARG C 283 -38.23 7.51 -4.09
N HIS C 284 -37.67 8.06 -5.15
CA HIS C 284 -37.97 9.45 -5.53
C HIS C 284 -38.24 9.58 -7.02
N SER C 285 -38.66 8.48 -7.64
CA SER C 285 -38.95 8.51 -9.08
C SER C 285 -40.40 8.90 -9.31
N GLU D 26 27.76 5.43 21.04
CA GLU D 26 26.51 6.25 21.07
C GLU D 26 25.29 5.36 21.19
N ARG D 27 24.60 5.46 22.32
CA ARG D 27 23.40 4.67 22.58
C ARG D 27 22.14 5.38 22.07
N ILE D 28 21.35 4.67 21.27
CA ILE D 28 20.12 5.23 20.71
C ILE D 28 19.00 5.23 21.74
N VAL D 29 18.64 6.40 22.22
CA VAL D 29 17.59 6.54 23.22
C VAL D 29 16.20 6.67 22.60
N SER D 30 16.15 6.93 21.30
CA SER D 30 14.88 7.07 20.58
C SER D 30 15.10 7.06 19.08
N ARG D 31 14.30 6.29 18.37
CA ARG D 31 14.43 6.18 16.92
C ARG D 31 13.73 7.31 16.16
N ASP D 32 12.90 8.07 16.86
CA ASP D 32 12.17 9.18 16.25
C ASP D 32 11.33 9.96 17.25
N ILE D 33 11.82 11.13 17.65
CA ILE D 33 11.13 11.97 18.61
C ILE D 33 9.81 12.55 18.10
N ALA D 34 9.57 12.42 16.79
CA ALA D 34 8.35 12.95 16.17
C ALA D 34 7.30 11.86 15.98
N ARG D 35 7.55 10.68 16.53
CA ARG D 35 6.64 9.55 16.43
C ARG D 35 5.97 9.41 15.06
N GLY D 36 6.76 9.62 14.01
CA GLY D 36 6.23 9.47 12.66
C GLY D 36 5.56 10.67 12.02
N TYR D 37 5.50 11.81 12.70
CA TYR D 37 4.86 12.99 12.13
C TYR D 37 5.64 13.74 11.07
N GLU D 38 6.96 13.59 11.04
CA GLU D 38 7.76 14.27 10.03
C GLU D 38 7.93 13.35 8.84
N ARG D 39 8.25 13.92 7.67
CA ARG D 39 8.44 13.11 6.48
C ARG D 39 9.62 12.17 6.65
N ILE D 40 10.52 12.52 7.56
CA ILE D 40 11.69 11.71 7.85
C ILE D 40 11.85 11.63 9.37
N PRO D 41 12.13 10.44 9.90
CA PRO D 41 12.29 10.30 11.35
C PRO D 41 13.46 11.11 11.88
N ILE D 42 13.41 11.48 13.15
CA ILE D 42 14.47 12.26 13.77
C ILE D 42 14.88 11.54 15.05
N PRO D 43 15.85 10.63 14.95
CA PRO D 43 16.34 9.86 16.10
C PRO D 43 17.07 10.71 17.14
N CYS D 44 17.17 10.17 18.34
CA CYS D 44 17.87 10.84 19.42
C CYS D 44 18.98 9.93 19.94
N VAL D 45 20.17 10.49 20.14
CA VAL D 45 21.30 9.71 20.62
C VAL D 45 22.00 10.41 21.77
N ASN D 46 22.57 9.63 22.68
CA ASN D 46 23.28 10.16 23.83
C ASN D 46 24.55 9.36 24.09
N ALA D 47 25.70 9.96 23.80
CA ALA D 47 26.98 9.30 23.99
C ALA D 47 27.76 9.96 25.12
N VAL D 48 27.21 11.04 25.68
CA VAL D 48 27.84 11.75 26.77
C VAL D 48 27.48 11.10 28.11
N ASP D 49 26.42 11.61 28.74
CA ASP D 49 25.99 11.07 30.03
C ASP D 49 24.92 9.99 29.91
N SER D 50 24.21 9.76 31.00
CA SER D 50 23.16 8.75 31.03
C SER D 50 21.77 9.36 30.93
N GLU D 51 21.72 10.67 30.67
CA GLU D 51 20.44 11.37 30.54
C GLU D 51 19.58 10.72 29.46
N PRO D 52 18.32 10.45 29.75
CA PRO D 52 17.42 9.83 28.76
C PRO D 52 16.90 10.87 27.77
N CYS D 53 16.28 10.39 26.70
CA CYS D 53 15.72 11.27 25.68
C CYS D 53 14.73 12.22 26.34
N PRO D 54 14.86 13.53 26.06
CA PRO D 54 13.96 14.54 26.66
C PRO D 54 12.50 14.16 26.48
N SER D 55 11.69 14.43 27.51
CA SER D 55 10.28 14.11 27.46
C SER D 55 9.44 15.07 28.29
N ASN D 56 9.99 16.22 28.62
CA ASN D 56 9.27 17.21 29.41
C ASN D 56 8.64 18.25 28.50
N TYR D 57 8.16 17.78 27.34
CA TYR D 57 7.51 18.66 26.38
C TYR D 57 6.74 17.77 25.42
N LYS D 58 5.77 18.35 24.72
CA LYS D 58 4.97 17.58 23.77
C LYS D 58 5.47 17.91 22.38
N TYR D 59 5.76 16.90 21.57
CA TYR D 59 6.24 17.16 20.22
C TYR D 59 5.08 17.38 19.24
N VAL D 60 5.12 18.50 18.54
CA VAL D 60 4.12 18.81 17.53
C VAL D 60 4.85 19.26 16.27
N SER D 61 4.39 18.76 15.13
CA SER D 61 5.02 19.12 13.86
C SER D 61 4.52 20.44 13.28
N GLN D 62 3.39 20.93 13.78
CA GLN D 62 2.82 22.21 13.31
C GLN D 62 2.55 23.10 14.52
N ASN D 63 2.50 24.41 14.30
CA ASN D 63 2.23 25.30 15.42
C ASN D 63 0.84 25.00 15.98
N CYS D 64 0.68 25.22 17.27
CA CYS D 64 -0.59 24.97 17.93
C CYS D 64 -0.93 26.15 18.84
N VAL D 65 -2.15 26.18 19.35
CA VAL D 65 -2.57 27.25 20.24
C VAL D 65 -3.27 26.65 21.45
N THR D 66 -3.11 27.31 22.59
CA THR D 66 -3.73 26.85 23.82
C THR D 66 -4.74 27.89 24.26
N SER D 67 -5.46 28.45 23.28
CA SER D 67 -6.46 29.47 23.55
C SER D 67 -7.12 29.90 22.24
N PRO D 68 -8.02 30.88 22.30
CA PRO D 68 -8.64 31.31 21.06
C PRO D 68 -7.57 32.10 20.31
N MET D 69 -7.53 31.99 18.99
CA MET D 69 -6.55 32.72 18.21
C MET D 69 -7.21 33.02 16.87
N ASN D 70 -7.52 34.31 16.67
CA ASN D 70 -8.21 34.75 15.48
C ASN D 70 -7.34 34.94 14.24
N ILE D 71 -6.76 33.85 13.76
CA ILE D 71 -5.92 33.90 12.55
C ILE D 71 -6.82 34.07 11.34
N ASP D 72 -6.52 35.05 10.49
CA ASP D 72 -7.34 35.28 9.31
C ASP D 72 -7.19 34.16 8.29
N ARG D 73 -8.16 33.26 8.25
CA ARG D 73 -8.14 32.15 7.30
C ARG D 73 -9.25 32.32 6.24
N ASN D 74 -9.73 33.55 6.07
CA ASN D 74 -10.76 33.83 5.07
C ASN D 74 -10.10 33.67 3.71
N ILE D 75 -10.48 32.64 2.96
CA ILE D 75 -9.87 32.40 1.66
C ILE D 75 -9.98 33.58 0.69
N THR D 76 -11.00 34.43 0.82
CA THR D 76 -11.12 35.56 -0.10
C THR D 76 -10.12 36.66 0.22
N HIS D 77 -9.54 36.64 1.41
CA HIS D 77 -8.55 37.65 1.80
C HIS D 77 -7.16 37.33 1.26
N LEU D 78 -6.97 36.14 0.72
CA LEU D 78 -5.66 35.76 0.20
C LEU D 78 -5.30 36.45 -1.10
N GLN D 79 -4.03 36.85 -1.21
CA GLN D 79 -3.55 37.43 -2.45
C GLN D 79 -2.98 36.18 -3.09
N TYR D 80 -3.29 35.97 -4.36
CA TYR D 80 -2.81 34.77 -5.04
C TYR D 80 -2.41 35.12 -6.44
N CYS D 81 -1.90 34.13 -7.17
CA CYS D 81 -1.49 34.37 -8.54
C CYS D 81 -2.34 33.57 -9.50
N VAL D 82 -2.28 33.94 -10.76
CA VAL D 82 -3.05 33.28 -11.82
C VAL D 82 -2.07 32.75 -12.86
N CYS D 83 -0.88 32.38 -12.41
CA CYS D 83 0.12 31.87 -13.34
C CYS D 83 -0.36 30.63 -14.06
N ILE D 84 0.12 30.48 -15.29
CA ILE D 84 -0.23 29.35 -16.14
C ILE D 84 0.96 28.42 -16.31
N ASP D 85 2.10 28.81 -15.72
CA ASP D 85 3.32 28.01 -15.79
C ASP D 85 3.60 27.41 -14.41
N ASP D 86 4.86 27.09 -14.16
CA ASP D 86 5.29 26.52 -12.89
C ASP D 86 5.76 27.65 -11.99
N CYS D 87 5.22 28.85 -12.25
CA CYS D 87 5.54 30.04 -11.48
C CYS D 87 7.02 30.39 -11.44
N SER D 88 7.63 30.46 -12.62
CA SER D 88 9.04 30.82 -12.75
C SER D 88 9.08 32.23 -13.36
N SER D 89 7.94 32.62 -13.94
CA SER D 89 7.77 33.91 -14.58
C SER D 89 7.86 35.09 -13.62
N SER D 90 8.01 36.28 -14.18
CA SER D 90 8.12 37.51 -13.41
C SER D 90 6.75 38.10 -13.14
N ASN D 91 5.72 37.49 -13.72
CA ASN D 91 4.35 37.96 -13.53
C ASN D 91 3.66 37.31 -12.33
N CYS D 92 4.29 36.30 -11.73
CA CYS D 92 3.72 35.62 -10.58
C CYS D 92 3.45 36.60 -9.45
N MET D 93 2.18 36.79 -9.14
CA MET D 93 1.79 37.71 -8.07
C MET D 93 2.49 37.36 -6.75
N CYS D 94 2.54 36.06 -6.45
CA CYS D 94 3.17 35.60 -5.21
C CYS D 94 4.67 35.88 -5.16
N GLY D 95 5.34 35.78 -6.30
CA GLY D 95 6.76 36.06 -6.34
C GLY D 95 6.98 37.55 -6.09
N GLN D 96 6.15 38.38 -6.71
CA GLN D 96 6.24 39.82 -6.55
C GLN D 96 6.04 40.27 -5.11
N LEU D 97 5.10 39.65 -4.41
CA LEU D 97 4.85 40.00 -3.02
C LEU D 97 6.09 39.72 -2.19
N SER D 98 6.87 38.75 -2.64
CA SER D 98 8.11 38.36 -1.97
C SER D 98 9.27 39.16 -2.53
N MET D 99 8.94 40.18 -3.30
CA MET D 99 9.93 41.03 -3.99
C MET D 99 10.31 40.27 -5.25
N ARG D 100 10.40 38.96 -5.12
CA ARG D 100 10.76 38.09 -6.23
C ARG D 100 10.85 36.66 -5.68
N CYS D 101 10.50 35.67 -6.49
CA CYS D 101 10.60 34.28 -6.03
C CYS D 101 12.08 33.98 -5.85
N TRP D 102 12.48 33.74 -4.60
CA TRP D 102 13.88 33.46 -4.31
C TRP D 102 14.29 32.00 -4.41
N TYR D 103 13.39 31.14 -4.87
CA TYR D 103 13.71 29.73 -4.99
C TYR D 103 14.16 29.32 -6.39
N ASP D 104 15.04 28.32 -6.46
CA ASP D 104 15.53 27.81 -7.74
C ASP D 104 14.86 26.47 -8.02
N LYS D 105 15.27 25.84 -9.13
CA LYS D 105 14.70 24.56 -9.53
C LYS D 105 14.73 23.49 -8.43
N ASP D 106 15.76 23.50 -7.60
CA ASP D 106 15.89 22.53 -6.53
C ASP D 106 15.42 23.09 -5.18
N GLY D 107 14.48 24.02 -5.25
CA GLY D 107 13.94 24.61 -4.04
C GLY D 107 14.93 25.28 -3.10
N ARG D 108 16.03 25.81 -3.63
CA ARG D 108 17.02 26.47 -2.79
C ARG D 108 17.04 27.97 -3.04
N LEU D 109 17.35 28.73 -1.99
CA LEU D 109 17.40 30.19 -2.08
C LEU D 109 18.52 30.62 -3.02
N LEU D 110 18.20 31.53 -3.94
CA LEU D 110 19.18 32.03 -4.90
C LEU D 110 20.31 32.73 -4.15
N PRO D 111 21.50 32.81 -4.77
CA PRO D 111 22.66 33.46 -4.15
C PRO D 111 22.43 34.91 -3.71
N GLU D 112 21.58 35.63 -4.44
CA GLU D 112 21.32 37.03 -4.11
C GLU D 112 20.32 37.25 -2.97
N PHE D 113 19.94 36.17 -2.29
CA PHE D 113 19.00 36.30 -1.17
C PHE D 113 19.72 37.07 -0.06
N ASN D 114 19.07 38.07 0.50
CA ASN D 114 19.67 38.87 1.56
C ASN D 114 19.49 38.22 2.94
N MET D 115 20.39 37.29 3.28
CA MET D 115 20.30 36.60 4.55
C MET D 115 20.63 37.48 5.75
N ALA D 116 21.09 38.70 5.50
CA ALA D 116 21.41 39.63 6.57
C ALA D 116 20.10 40.26 7.04
N GLU D 117 19.20 40.51 6.10
CA GLU D 117 17.89 41.08 6.39
C GLU D 117 16.93 40.43 5.40
N PRO D 118 16.49 39.20 5.70
CA PRO D 118 15.57 38.44 4.85
C PRO D 118 14.24 39.13 4.61
N PRO D 119 13.73 39.05 3.37
CA PRO D 119 12.46 39.66 3.03
C PRO D 119 11.35 38.65 3.38
N LEU D 120 10.11 39.11 3.46
CA LEU D 120 9.01 38.22 3.76
C LEU D 120 8.78 37.34 2.53
N ILE D 121 8.64 36.03 2.73
CA ILE D 121 8.42 35.12 1.63
C ILE D 121 6.98 34.61 1.56
N PHE D 122 6.37 34.79 0.39
CA PHE D 122 5.00 34.36 0.16
C PHE D 122 4.99 33.20 -0.83
N GLU D 123 4.82 31.98 -0.33
CA GLU D 123 4.78 30.83 -1.21
C GLU D 123 3.39 30.79 -1.83
N CYS D 124 3.21 29.95 -2.83
CA CYS D 124 1.90 29.85 -3.46
C CYS D 124 0.96 29.06 -2.53
N ASN D 125 -0.33 29.35 -2.65
CA ASN D 125 -1.32 28.72 -1.80
C ASN D 125 -2.46 28.09 -2.61
N HIS D 126 -3.46 27.59 -1.91
CA HIS D 126 -4.61 26.93 -2.53
C HIS D 126 -5.54 27.88 -3.30
N ALA D 127 -5.36 29.18 -3.12
CA ALA D 127 -6.18 30.15 -3.84
C ALA D 127 -5.57 30.39 -5.23
N CYS D 128 -4.29 30.05 -5.38
CA CYS D 128 -3.60 30.22 -6.65
C CYS D 128 -4.13 29.23 -7.67
N SER D 129 -3.98 29.57 -8.95
CA SER D 129 -4.45 28.73 -10.04
C SER D 129 -3.43 27.71 -10.51
N CYS D 130 -2.20 27.82 -10.00
CA CYS D 130 -1.12 26.92 -10.40
C CYS D 130 -1.20 25.56 -9.72
N TRP D 131 -0.31 24.67 -10.12
CA TRP D 131 -0.27 23.31 -9.58
C TRP D 131 0.51 23.18 -8.28
N ARG D 132 0.16 22.16 -7.51
CA ARG D 132 0.77 21.90 -6.21
C ARG D 132 2.28 21.67 -6.30
N ASN D 133 2.79 21.42 -7.50
CA ASN D 133 4.21 21.19 -7.69
C ASN D 133 4.94 22.40 -8.28
N CYS D 134 4.30 23.57 -8.27
CA CYS D 134 4.93 24.76 -8.82
C CYS D 134 6.21 25.09 -8.04
N ARG D 135 7.02 25.99 -8.60
CA ARG D 135 8.29 26.35 -7.99
C ARG D 135 8.23 27.13 -6.68
N ASN D 136 7.21 27.97 -6.53
CA ASN D 136 7.09 28.80 -5.33
C ASN D 136 6.51 28.07 -4.12
N ARG D 137 6.94 26.83 -3.92
CA ARG D 137 6.48 26.01 -2.81
C ARG D 137 7.66 25.20 -2.28
N VAL D 138 8.15 25.57 -1.10
CA VAL D 138 9.28 24.86 -0.50
C VAL D 138 8.98 24.52 0.95
N VAL D 139 8.86 25.55 1.78
CA VAL D 139 8.58 25.34 3.19
C VAL D 139 7.31 24.53 3.42
N GLN D 140 6.36 24.62 2.50
CA GLN D 140 5.11 23.87 2.64
C GLN D 140 5.27 22.38 2.36
N ASN D 141 6.46 21.96 1.97
CA ASN D 141 6.69 20.56 1.69
C ASN D 141 7.32 19.78 2.85
N GLY D 142 7.67 20.48 3.92
CA GLY D 142 8.23 19.81 5.08
C GLY D 142 9.69 19.37 5.06
N LEU D 143 10.06 18.58 6.07
CA LEU D 143 11.43 18.08 6.21
C LEU D 143 11.95 17.32 5.01
N ARG D 144 13.20 17.62 4.64
CA ARG D 144 13.85 16.98 3.52
C ARG D 144 15.25 16.58 3.95
N ALA D 145 15.68 17.12 5.08
CA ALA D 145 17.01 16.83 5.61
C ALA D 145 16.97 15.82 6.76
N ARG D 146 17.96 14.95 6.81
CA ARG D 146 18.04 13.96 7.87
C ARG D 146 18.75 14.58 9.07
N LEU D 147 17.96 14.92 10.10
CA LEU D 147 18.50 15.51 11.30
C LEU D 147 18.57 14.50 12.43
N GLN D 148 19.18 14.91 13.54
CA GLN D 148 19.33 14.02 14.68
C GLN D 148 19.53 14.80 15.97
N LEU D 149 18.78 14.44 17.00
CA LEU D 149 18.90 15.09 18.30
C LEU D 149 20.04 14.35 19.01
N TYR D 150 20.98 15.08 19.59
CA TYR D 150 22.10 14.44 20.27
C TYR D 150 22.55 15.23 21.50
N ARG D 151 23.21 14.54 22.43
CA ARG D 151 23.69 15.17 23.65
C ARG D 151 25.09 15.74 23.42
N THR D 152 25.27 17.04 23.67
CA THR D 152 26.56 17.68 23.47
C THR D 152 27.44 17.51 24.70
N ARG D 153 28.69 17.96 24.60
CA ARG D 153 29.63 17.86 25.71
C ARG D 153 29.25 18.84 26.81
N ASP D 154 29.25 20.13 26.48
CA ASP D 154 28.91 21.16 27.46
C ASP D 154 27.96 22.20 26.88
N MET D 155 26.71 21.80 26.65
CA MET D 155 25.70 22.69 26.10
C MET D 155 24.37 21.96 25.96
N GLY D 156 24.00 21.18 26.97
CA GLY D 156 22.76 20.43 26.92
C GLY D 156 22.63 19.64 25.65
N TRP D 157 21.40 19.49 25.15
CA TRP D 157 21.17 18.76 23.91
C TRP D 157 21.33 19.71 22.72
N GLY D 158 21.57 19.15 21.55
CA GLY D 158 21.71 19.94 20.35
C GLY D 158 21.19 19.16 19.16
N VAL D 159 21.11 19.81 18.01
CA VAL D 159 20.63 19.15 16.79
C VAL D 159 21.68 19.25 15.71
N ARG D 160 21.85 18.19 14.93
CA ARG D 160 22.85 18.20 13.87
C ARG D 160 22.35 17.43 12.65
N SER D 161 22.99 17.68 11.51
CA SER D 161 22.63 17.02 10.27
C SER D 161 23.47 15.76 10.08
N LEU D 162 22.85 14.70 9.57
CA LEU D 162 23.55 13.46 9.32
C LEU D 162 23.94 13.42 7.86
N GLN D 163 23.61 14.49 7.14
CA GLN D 163 23.91 14.59 5.73
C GLN D 163 24.49 15.96 5.43
N ASP D 164 24.94 16.16 4.20
CA ASP D 164 25.49 17.45 3.83
C ASP D 164 24.32 18.28 3.31
N ILE D 165 24.28 19.54 3.69
CA ILE D 165 23.19 20.40 3.26
C ILE D 165 23.72 21.58 2.46
N PRO D 166 23.38 21.63 1.16
CA PRO D 166 23.83 22.73 0.31
C PRO D 166 23.34 24.05 0.89
N PRO D 167 24.03 25.16 0.57
CA PRO D 167 23.61 26.46 1.09
C PRO D 167 22.28 26.89 0.46
N GLY D 168 21.43 27.55 1.26
CA GLY D 168 20.15 28.01 0.75
C GLY D 168 19.09 26.92 0.77
N THR D 169 19.27 25.94 1.64
CA THR D 169 18.33 24.83 1.74
C THR D 169 17.45 24.94 2.99
N PHE D 170 16.16 24.70 2.81
CA PHE D 170 15.22 24.74 3.94
C PHE D 170 15.53 23.55 4.83
N VAL D 171 15.84 23.82 6.09
CA VAL D 171 16.19 22.76 7.03
C VAL D 171 15.03 22.32 7.93
N CYS D 172 14.48 23.27 8.67
CA CYS D 172 13.36 22.96 9.55
C CYS D 172 12.64 24.25 9.93
N GLU D 173 11.44 24.11 10.47
CA GLU D 173 10.63 25.25 10.88
C GLU D 173 10.66 25.34 12.40
N TYR D 174 10.60 26.57 12.94
CA TYR D 174 10.59 26.72 14.38
C TYR D 174 9.12 26.62 14.80
N VAL D 175 8.73 25.43 15.28
CA VAL D 175 7.35 25.17 15.66
C VAL D 175 7.08 25.17 17.16
N GLY D 176 5.92 25.67 17.55
CA GLY D 176 5.57 25.71 18.96
C GLY D 176 4.17 26.21 19.26
N GLU D 177 4.01 26.78 20.46
CA GLU D 177 2.74 27.32 20.92
C GLU D 177 2.65 28.80 20.54
N LEU D 178 1.68 29.15 19.70
CA LEU D 178 1.50 30.54 19.28
C LEU D 178 0.83 31.32 20.40
N ILE D 179 1.49 32.36 20.91
CA ILE D 179 0.92 33.15 22.00
C ILE D 179 1.03 34.65 21.81
N SER D 180 0.26 35.40 22.58
CA SER D 180 0.29 36.85 22.50
C SER D 180 1.47 37.41 23.28
N ASP D 181 1.78 38.67 23.00
CA ASP D 181 2.88 39.36 23.65
C ASP D 181 2.69 39.43 25.16
N SER D 182 1.49 39.77 25.59
CA SER D 182 1.18 39.87 27.01
C SER D 182 1.26 38.52 27.69
N GLU D 183 0.89 37.46 26.98
CA GLU D 183 0.96 36.11 27.53
C GLU D 183 2.43 35.72 27.70
N ALA D 184 3.26 36.12 26.74
CA ALA D 184 4.67 35.81 26.79
C ALA D 184 5.33 36.53 27.97
N ASP D 185 4.89 37.76 28.21
CA ASP D 185 5.45 38.59 29.28
C ASP D 185 5.10 38.13 30.70
N VAL D 186 4.39 37.01 30.82
CA VAL D 186 4.03 36.50 32.14
C VAL D 186 4.62 35.12 32.37
N ARG D 187 5.22 34.55 31.32
CA ARG D 187 5.83 33.23 31.45
C ARG D 187 7.25 33.37 31.97
N GLU D 188 7.57 32.60 33.00
CA GLU D 188 8.90 32.65 33.61
C GLU D 188 9.94 31.91 32.78
N GLU D 189 9.55 30.80 32.16
CA GLU D 189 10.47 30.05 31.32
C GLU D 189 10.41 30.70 29.94
N ASP D 190 11.41 31.53 29.63
CA ASP D 190 11.44 32.24 28.35
C ASP D 190 12.58 31.84 27.42
N SER D 191 13.27 30.75 27.74
CA SER D 191 14.39 30.30 26.92
C SER D 191 13.98 29.67 25.60
N TYR D 192 12.71 29.32 25.47
CA TYR D 192 12.23 28.68 24.26
C TYR D 192 11.31 29.56 23.43
N LEU D 193 11.32 30.86 23.71
CA LEU D 193 10.49 31.80 22.98
C LEU D 193 11.13 32.22 21.66
N PHE D 194 10.32 32.78 20.77
CA PHE D 194 10.79 33.27 19.49
C PHE D 194 9.84 34.40 19.08
N ASP D 195 10.35 35.63 19.08
CA ASP D 195 9.54 36.78 18.71
C ASP D 195 9.25 36.80 17.22
N LEU D 196 7.97 36.91 16.87
CA LEU D 196 7.57 36.94 15.47
C LEU D 196 7.68 38.34 14.88
N ASP D 197 7.18 39.34 15.59
CA ASP D 197 7.24 40.71 15.11
C ASP D 197 6.73 40.87 13.70
N GLU D 202 0.55 44.66 18.81
CA GLU D 202 -0.08 43.50 18.20
C GLU D 202 1.00 42.55 17.67
N VAL D 203 1.88 42.10 18.56
CA VAL D 203 2.93 41.16 18.16
C VAL D 203 2.79 39.85 18.92
N TYR D 204 3.25 38.78 18.29
CA TYR D 204 3.14 37.47 18.89
C TYR D 204 4.45 36.71 18.99
N CYS D 205 4.43 35.61 19.73
CA CYS D 205 5.61 34.79 19.93
C CYS D 205 5.26 33.32 19.79
N ILE D 206 6.30 32.53 19.54
CA ILE D 206 6.14 31.09 19.47
C ILE D 206 6.92 30.57 20.66
N ASP D 207 6.22 29.92 21.59
CA ASP D 207 6.89 29.38 22.77
C ASP D 207 7.01 27.89 22.54
N ALA D 208 8.24 27.42 22.37
CA ALA D 208 8.46 26.00 22.13
C ALA D 208 8.73 25.22 23.43
N ARG D 209 8.56 25.88 24.56
CA ARG D 209 8.77 25.24 25.86
C ARG D 209 7.93 23.98 26.07
N PHE D 210 6.61 24.15 26.01
CA PHE D 210 5.69 23.04 26.26
C PHE D 210 5.33 22.24 25.04
N TYR D 211 5.14 22.93 23.91
CA TYR D 211 4.83 22.29 22.65
C TYR D 211 5.90 22.80 21.71
N GLY D 212 6.50 21.92 20.92
CA GLY D 212 7.53 22.34 20.00
C GLY D 212 8.02 21.18 19.18
N ASN D 213 8.77 21.46 18.11
CA ASN D 213 9.29 20.41 17.26
C ASN D 213 10.80 20.30 17.50
N VAL D 214 11.50 19.73 16.53
CA VAL D 214 12.94 19.55 16.66
C VAL D 214 13.72 20.84 16.85
N SER D 215 13.19 21.96 16.34
CA SER D 215 13.88 23.24 16.45
C SER D 215 14.12 23.80 17.84
N ARG D 216 13.33 23.36 18.81
CA ARG D 216 13.48 23.86 20.18
C ARG D 216 14.83 23.42 20.74
N PHE D 217 15.49 22.50 20.05
CA PHE D 217 16.78 21.99 20.50
C PHE D 217 18.00 22.58 19.78
N ILE D 218 17.75 23.42 18.77
CA ILE D 218 18.84 24.06 18.03
C ILE D 218 19.55 25.10 18.88
N ASN D 219 20.84 24.92 19.10
CA ASN D 219 21.62 25.85 19.91
C ASN D 219 22.00 27.13 19.17
N HIS D 220 22.36 28.16 19.95
CA HIS D 220 22.77 29.44 19.40
C HIS D 220 24.21 29.36 18.89
N HIS D 221 24.54 30.23 17.94
CA HIS D 221 25.89 30.29 17.37
C HIS D 221 26.08 31.66 16.73
N CYS D 222 27.15 32.36 17.12
CA CYS D 222 27.43 33.70 16.61
C CYS D 222 27.78 33.79 15.12
N GLU D 223 28.04 32.64 14.51
CA GLU D 223 28.35 32.57 13.08
C GLU D 223 27.54 31.37 12.61
N PRO D 224 26.20 31.45 12.75
CA PRO D 224 25.20 30.44 12.41
C PRO D 224 25.14 29.89 10.99
N ASN D 225 24.88 28.59 10.89
CA ASN D 225 24.75 27.95 9.60
C ASN D 225 23.25 27.95 9.22
N LEU D 226 22.42 28.56 10.06
CA LEU D 226 20.98 28.66 9.81
C LEU D 226 20.47 30.07 10.05
N VAL D 227 19.64 30.58 9.15
CA VAL D 227 19.06 31.90 9.26
C VAL D 227 17.53 31.80 9.25
N PRO D 228 16.84 32.48 10.17
CA PRO D 228 15.38 32.42 10.21
C PRO D 228 14.72 33.37 9.21
N VAL D 229 13.74 32.85 8.48
CA VAL D 229 13.00 33.65 7.51
C VAL D 229 11.50 33.57 7.76
N ARG D 230 10.83 34.71 7.70
CA ARG D 230 9.38 34.75 7.90
C ARG D 230 8.70 34.34 6.59
N VAL D 231 7.89 33.30 6.67
CA VAL D 231 7.20 32.78 5.49
C VAL D 231 5.69 32.66 5.68
N PHE D 232 4.95 32.81 4.58
CA PHE D 232 3.51 32.70 4.60
C PHE D 232 3.09 31.67 3.58
N MET D 233 2.15 30.82 3.95
CA MET D 233 1.67 29.77 3.07
C MET D 233 0.16 29.72 2.98
N ALA D 234 -0.47 28.83 3.75
CA ALA D 234 -1.92 28.69 3.74
C ALA D 234 -2.67 29.97 4.07
N HIS D 235 -2.04 30.88 4.80
CA HIS D 235 -2.68 32.14 5.15
C HIS D 235 -1.65 33.26 5.06
N GLN D 236 -2.11 34.50 5.00
CA GLN D 236 -1.20 35.63 4.90
C GLN D 236 -1.48 36.69 5.98
N ASP D 237 -1.83 36.22 7.17
CA ASP D 237 -2.08 37.11 8.29
C ASP D 237 -0.68 37.51 8.76
N LEU D 238 -0.30 38.76 8.50
CA LEU D 238 1.03 39.24 8.87
C LEU D 238 1.41 39.21 10.34
N ARG D 239 0.42 39.01 11.22
CA ARG D 239 0.71 38.94 12.65
C ARG D 239 1.29 37.56 12.97
N PHE D 240 1.08 36.61 12.06
CA PHE D 240 1.53 35.24 12.31
C PHE D 240 2.42 34.62 11.24
N PRO D 241 3.63 35.15 11.06
CA PRO D 241 4.47 34.53 10.04
C PRO D 241 4.99 33.21 10.58
N ARG D 242 5.37 32.31 9.70
CA ARG D 242 5.93 31.04 10.14
C ARG D 242 7.45 31.18 9.97
N ILE D 243 8.20 30.68 10.95
CA ILE D 243 9.65 30.79 10.93
C ILE D 243 10.34 29.59 10.30
N ALA D 244 10.96 29.82 9.16
CA ALA D 244 11.66 28.74 8.44
C ALA D 244 13.17 28.93 8.48
N PHE D 245 13.89 27.86 8.78
CA PHE D 245 15.34 27.94 8.83
C PHE D 245 15.96 27.46 7.53
N PHE D 246 16.75 28.34 6.91
CA PHE D 246 17.45 28.05 5.68
C PHE D 246 18.94 28.02 5.99
N SER D 247 19.69 27.15 5.33
CA SER D 247 21.13 27.06 5.55
C SER D 247 21.83 28.24 4.88
N THR D 248 22.66 28.95 5.65
CA THR D 248 23.39 30.11 5.13
C THR D 248 24.68 29.70 4.45
N ARG D 249 24.91 28.39 4.37
CA ARG D 249 26.11 27.87 3.73
C ARG D 249 26.05 26.35 3.73
N LEU D 250 27.13 25.73 3.29
CA LEU D 250 27.19 24.28 3.26
C LEU D 250 27.35 23.74 4.67
N ILE D 251 26.44 22.87 5.07
CA ILE D 251 26.50 22.27 6.39
C ILE D 251 26.97 20.84 6.18
N GLU D 252 28.19 20.55 6.63
CA GLU D 252 28.76 19.22 6.48
C GLU D 252 28.10 18.20 7.39
N ALA D 253 27.96 16.98 6.88
CA ALA D 253 27.36 15.90 7.63
C ALA D 253 27.99 15.79 9.01
N GLY D 254 27.16 15.54 10.01
CA GLY D 254 27.65 15.42 11.37
C GLY D 254 27.80 16.76 12.08
N GLU D 255 27.73 17.85 11.33
CA GLU D 255 27.86 19.18 11.90
C GLU D 255 26.61 19.58 12.69
N GLN D 256 26.81 20.35 13.74
CA GLN D 256 25.69 20.81 14.57
C GLN D 256 25.00 21.99 13.89
N LEU D 257 23.68 22.08 14.10
CA LEU D 257 22.90 23.17 13.54
C LEU D 257 22.84 24.28 14.56
N GLY D 258 22.82 25.52 14.09
CA GLY D 258 22.74 26.65 15.00
C GLY D 258 22.27 27.91 14.31
N PHE D 259 21.65 28.81 15.07
CA PHE D 259 21.18 30.07 14.53
C PHE D 259 21.40 31.14 15.58
N ASP D 260 21.42 32.41 15.15
CA ASP D 260 21.64 33.53 16.05
C ASP D 260 20.39 33.87 16.88
N TYR D 261 20.42 33.56 18.17
CA TYR D 261 19.29 33.83 19.05
C TYR D 261 18.90 35.30 19.08
N GLY D 262 19.87 36.19 18.87
CA GLY D 262 19.54 37.61 18.87
C GLY D 262 19.87 38.40 20.11
N GLU D 263 19.75 39.71 20.00
CA GLU D 263 20.05 40.64 21.08
C GLU D 263 19.14 40.48 22.30
N ARG D 264 17.85 40.37 22.07
CA ARG D 264 16.92 40.23 23.19
C ARG D 264 17.28 39.04 24.07
N PHE D 265 17.50 37.89 23.44
CA PHE D 265 17.85 36.69 24.19
C PHE D 265 19.10 36.91 25.03
N TRP D 266 20.16 37.39 24.38
CA TRP D 266 21.42 37.63 25.07
C TRP D 266 21.43 38.84 25.99
N ASP D 267 20.56 39.79 25.71
CA ASP D 267 20.46 40.98 26.54
C ASP D 267 19.86 40.53 27.86
N ILE D 268 19.12 39.42 27.81
CA ILE D 268 18.46 38.87 28.99
C ILE D 268 19.28 37.76 29.67
N LYS D 269 19.58 36.72 28.92
CA LYS D 269 20.32 35.58 29.46
C LYS D 269 21.80 35.84 29.68
N GLY D 270 22.34 36.86 29.02
CA GLY D 270 23.74 37.18 29.16
C GLY D 270 24.15 37.37 30.61
N LYS D 271 23.17 37.56 31.49
CA LYS D 271 23.44 37.76 32.91
C LYS D 271 23.52 36.45 33.68
N LEU D 272 23.18 35.35 33.02
CA LEU D 272 23.21 34.03 33.65
C LEU D 272 24.36 33.18 33.13
N PHE D 273 24.62 33.28 31.83
CA PHE D 273 25.69 32.52 31.22
C PHE D 273 26.20 33.18 29.94
N SER D 274 27.41 32.81 29.53
CA SER D 274 28.03 33.37 28.35
C SER D 274 27.96 32.35 27.22
N CYS D 275 28.07 32.83 25.99
CA CYS D 275 28.02 31.94 24.83
C CYS D 275 29.24 31.03 24.75
N ARG D 276 29.00 29.76 24.45
CA ARG D 276 30.06 28.78 24.33
C ARG D 276 30.04 28.09 22.96
N CYS D 277 29.74 28.87 21.92
CA CYS D 277 29.69 28.31 20.56
C CYS D 277 31.11 28.10 20.02
N GLY D 278 32.09 28.44 20.85
CA GLY D 278 33.48 28.26 20.47
C GLY D 278 33.86 28.81 19.11
N SER D 279 33.40 30.02 18.79
CA SER D 279 33.71 30.65 17.52
C SER D 279 34.68 31.81 17.70
N PRO D 280 35.64 31.96 16.77
CA PRO D 280 36.64 33.03 16.84
C PRO D 280 35.98 34.41 16.88
N LYS D 281 34.78 34.49 16.29
CA LYS D 281 34.05 35.75 16.25
C LYS D 281 32.86 35.77 17.20
N CYS D 282 32.95 34.99 18.27
CA CYS D 282 31.87 34.94 19.27
C CYS D 282 31.61 36.35 19.77
N ARG D 283 30.34 36.73 19.85
CA ARG D 283 29.97 38.06 20.29
C ARG D 283 29.32 38.12 21.68
N HIS D 284 29.28 37.00 22.38
CA HIS D 284 28.67 37.00 23.71
C HIS D 284 29.44 36.21 24.77
N SER D 285 30.64 36.68 25.08
CA SER D 285 31.47 36.05 26.10
C SER D 285 31.87 37.10 27.12
#